data_5KZM
#
_entry.id   5KZM
#
_cell.length_a   111.176
_cell.length_b   171.986
_cell.length_c   76.109
_cell.angle_alpha   90.000
_cell.angle_beta   90.000
_cell.angle_gamma   90.000
#
_symmetry.space_group_name_H-M   'C 2 2 21'
#
loop_
_entity.id
_entity.type
_entity.pdbx_description
1 polymer 'Tryptophan synthase alpha chain'
2 polymer 'Tryptophan synthase beta chain'
3 non-polymer 'ACETATE ION'
4 non-polymer 'CALCIUM ION'
5 water water
#
loop_
_entity_poly.entity_id
_entity_poly.type
_entity_poly.pdbx_seq_one_letter_code
_entity_poly.pdbx_strand_id
1 'polypeptide(L)'
;SNA(MSE)TNRYTTLFANLEKRNEGAFIPFVTIGDPNKALSFEIIDTLVSSGADALELGIPFSDPLADGPTIQEANIRAL
ESGITPKDCFDILTKIRAKYPHIPIGLLLYANLVYANGIENFYQKCLDAGVDSILIADVPAHESKEFRDIAKKVGIAQIF
IAPPDASESTLKQISELGSGYTYLLSRVGVTGTETAAN(MSE)PVEDVLTKLREYNAPKPVLGFGISKPEQVQQAIKAGA
AGAISGSATVKIIQNNISNKQK(MSE)LNELTYFVKE(MSE)KAATLN
;
A
2 'polypeptide(L)'
;(MSE)SKLNAYFGEYGGQFVPQILVPALDQLEQEFIKAQADESFKQEFKELLQEYAGRPTALTKTRNIVKNTRTKLYLKR
EDLLHGGAH(LLP)TNQVLGQALLAKR(MSE)GKKEIIAETGAGQHGVATALACALLDLKCRVY(MSE)GAKDVERQSPN
VFR(MSE)KL(MSE)GAEVIPVHSGSATLKDACNEALRDWSANYSKAHYLLGTAAGPHPFPTIVREFQR(MSE)IGEETK
QQ(MSE)LAKEGRLPDAVIACVGGGSNAIG(MSE)FADFIDEKNVKLIGVEPAGKGIETGEHGAPLKHGKTGIFFG
(MSE)KAPL(MSE)QNSDGQIEESYSISAGLDFPSVGPQHAHLLAIGRAKYASATDDEALDAFKLLCKKEGIIPALESSH
ALAHALKLAYEDPNKEQLLVVNLSGRGDKDIFTVHDILKEKGEI
;
B
#
loop_
_chem_comp.id
_chem_comp.type
_chem_comp.name
_chem_comp.formula
ACT non-polymer 'ACETATE ION' 'C2 H3 O2 -1'
CA non-polymer 'CALCIUM ION' 'Ca 2'
#
# COMPACT_ATOMS: atom_id res chain seq x y z
N MSE A 4 2.31 -9.02 34.71
CA MSE A 4 1.61 -7.74 34.73
C MSE A 4 0.19 -7.88 35.26
O MSE A 4 -0.27 -9.00 35.55
CB MSE A 4 1.60 -7.12 33.33
CG MSE A 4 1.76 -5.61 33.33
SE MSE A 4 3.31 -5.04 34.36
CE MSE A 4 4.70 -6.06 33.45
N THR A 5 -0.52 -6.76 35.41
CA THR A 5 -1.92 -6.77 35.81
C THR A 5 -2.52 -5.44 35.37
N ASN A 6 -3.27 -5.47 34.28
CA ASN A 6 -3.91 -4.30 33.71
C ASN A 6 -5.41 -4.34 33.98
N ARG A 7 -6.15 -3.41 33.35
CA ARG A 7 -7.60 -3.41 33.51
C ARG A 7 -8.23 -4.66 32.90
N TYR A 8 -7.59 -5.24 31.87
CA TYR A 8 -8.11 -6.44 31.25
C TYR A 8 -8.06 -7.63 32.19
N THR A 9 -6.95 -7.80 32.92
CA THR A 9 -6.86 -8.92 33.86
C THR A 9 -7.94 -8.81 34.94
N THR A 10 -8.22 -7.59 35.40
CA THR A 10 -9.31 -7.39 36.34
C THR A 10 -10.65 -7.76 35.72
N LEU A 11 -10.84 -7.45 34.44
CA LEU A 11 -12.13 -7.70 33.80
C LEU A 11 -12.36 -9.19 33.55
N PHE A 12 -11.37 -9.87 32.96
CA PHE A 12 -11.56 -11.27 32.61
C PHE A 12 -11.68 -12.17 33.84
N ALA A 13 -11.07 -11.78 34.96
CA ALA A 13 -11.24 -12.54 36.19
C ALA A 13 -12.63 -12.32 36.79
N ASN A 14 -13.10 -11.07 36.77
CA ASN A 14 -14.46 -10.78 37.23
C ASN A 14 -15.51 -11.47 36.35
N LEU A 15 -15.20 -11.65 35.06
CA LEU A 15 -16.19 -12.21 34.14
C LEU A 15 -16.30 -13.72 34.28
N GLU A 16 -15.17 -14.42 34.32
CA GLU A 16 -15.23 -15.87 34.53
C GLU A 16 -15.72 -16.21 35.92
N LYS A 17 -15.53 -15.32 36.89
CA LYS A 17 -16.15 -15.50 38.20
C LYS A 17 -17.68 -15.53 38.06
N ARG A 18 -18.24 -14.54 37.36
CA ARG A 18 -19.65 -14.53 36.98
C ARG A 18 -19.93 -15.46 35.80
N ASN A 19 -18.89 -16.10 35.26
CA ASN A 19 -19.02 -17.11 34.19
C ASN A 19 -19.71 -16.53 32.97
N GLU A 20 -19.18 -15.42 32.46
CA GLU A 20 -19.74 -14.75 31.30
C GLU A 20 -18.62 -14.38 30.33
N GLY A 21 -19.00 -14.20 29.07
CA GLY A 21 -18.06 -13.76 28.06
C GLY A 21 -18.03 -12.24 27.92
N ALA A 22 -16.99 -11.74 27.27
CA ALA A 22 -16.80 -10.31 27.08
C ALA A 22 -17.31 -9.90 25.71
N PHE A 23 -18.16 -8.88 25.69
CA PHE A 23 -18.58 -8.24 24.44
C PHE A 23 -17.88 -6.90 24.33
N ILE A 24 -17.12 -6.71 23.26
CA ILE A 24 -16.33 -5.52 23.04
C ILE A 24 -16.74 -4.91 21.69
N PRO A 25 -17.53 -3.84 21.72
CA PRO A 25 -17.91 -3.19 20.46
C PRO A 25 -16.76 -2.39 19.87
N PHE A 26 -16.69 -2.35 18.54
CA PHE A 26 -15.75 -1.49 17.85
C PHE A 26 -16.48 -0.31 17.25
N VAL A 27 -16.02 0.89 17.57
CA VAL A 27 -16.47 2.12 16.94
C VAL A 27 -15.23 2.99 16.71
N THR A 28 -15.17 3.61 15.54
CA THR A 28 -14.06 4.50 15.22
C THR A 28 -14.33 5.88 15.83
N ILE A 29 -13.32 6.45 16.47
CA ILE A 29 -13.47 7.72 17.18
C ILE A 29 -13.71 8.85 16.18
N GLY A 30 -14.60 9.77 16.53
CA GLY A 30 -14.92 10.90 15.69
C GLY A 30 -15.96 10.62 14.62
N ASP A 31 -16.54 9.43 14.59
CA ASP A 31 -17.56 9.10 13.60
C ASP A 31 -18.93 9.28 14.22
N PRO A 32 -19.82 10.09 13.61
CA PRO A 32 -19.61 10.85 12.38
C PRO A 32 -19.04 12.25 12.61
N ASN A 33 -19.11 12.74 13.85
CA ASN A 33 -18.45 13.99 14.21
C ASN A 33 -18.13 13.94 15.70
N LYS A 34 -17.34 14.92 16.15
CA LYS A 34 -16.71 14.85 17.48
C LYS A 34 -17.75 14.82 18.58
N ALA A 35 -18.79 15.65 18.49
CA ALA A 35 -19.78 15.71 19.55
C ALA A 35 -20.60 14.42 19.61
N LEU A 36 -21.03 13.91 18.46
CA LEU A 36 -21.84 12.70 18.46
C LEU A 36 -20.99 11.47 18.79
N SER A 37 -19.70 11.50 18.46
CA SER A 37 -18.85 10.36 18.73
C SER A 37 -18.77 10.07 20.23
N PHE A 38 -18.60 11.11 21.05
CA PHE A 38 -18.57 10.91 22.50
C PHE A 38 -19.87 10.31 23.00
N GLU A 39 -21.02 10.80 22.50
CA GLU A 39 -22.29 10.22 22.89
C GLU A 39 -22.42 8.77 22.45
N ILE A 40 -21.85 8.43 21.28
CA ILE A 40 -21.82 7.03 20.87
C ILE A 40 -21.00 6.19 21.84
N ILE A 41 -19.79 6.67 22.17
CA ILE A 41 -18.95 5.95 23.13
C ILE A 41 -19.63 5.90 24.48
N ASP A 42 -20.30 6.99 24.86
CA ASP A 42 -20.99 7.03 26.15
C ASP A 42 -22.08 5.97 26.21
N THR A 43 -22.91 5.88 25.17
CA THR A 43 -24.01 4.91 25.20
C THR A 43 -23.50 3.48 25.07
N LEU A 44 -22.33 3.28 24.45
CA LEU A 44 -21.75 1.94 24.41
C LEU A 44 -21.46 1.42 25.81
N VAL A 45 -20.90 2.26 26.68
CA VAL A 45 -20.57 1.83 28.03
C VAL A 45 -21.83 1.67 28.89
N SER A 46 -22.76 2.62 28.77
CA SER A 46 -23.98 2.56 29.57
C SER A 46 -24.84 1.35 29.22
N SER A 47 -24.73 0.85 27.99
CA SER A 47 -25.55 -0.25 27.52
C SER A 47 -24.94 -1.61 27.84
N GLY A 48 -23.82 -1.66 28.55
CA GLY A 48 -23.29 -2.89 29.06
C GLY A 48 -22.03 -3.41 28.40
N ALA A 49 -21.25 -2.57 27.72
CA ALA A 49 -20.01 -3.02 27.13
C ALA A 49 -18.99 -3.32 28.23
N ASP A 50 -18.34 -4.47 28.12
CA ASP A 50 -17.31 -4.83 29.09
C ASP A 50 -15.99 -4.12 28.78
N ALA A 51 -15.63 -4.04 27.51
CA ALA A 51 -14.44 -3.32 27.08
C ALA A 51 -14.77 -2.51 25.84
N LEU A 52 -13.89 -1.57 25.51
CA LEU A 52 -14.04 -0.74 24.33
C LEU A 52 -12.88 -0.98 23.37
N GLU A 53 -13.22 -0.98 22.08
CA GLU A 53 -12.26 -1.11 20.98
C GLU A 53 -12.51 0.08 20.06
N LEU A 54 -11.65 1.10 20.14
CA LEU A 54 -11.87 2.36 19.46
C LEU A 54 -10.77 2.60 18.43
N GLY A 55 -11.18 2.88 17.20
CA GLY A 55 -10.23 3.19 16.15
C GLY A 55 -10.03 4.70 16.01
N ILE A 56 -8.83 5.08 15.60
CA ILE A 56 -8.49 6.46 15.33
C ILE A 56 -8.42 6.64 13.82
N PRO A 57 -9.12 7.63 13.25
CA PRO A 57 -9.33 7.67 11.80
C PRO A 57 -8.03 7.81 11.02
N PHE A 58 -7.90 6.99 9.98
CA PHE A 58 -6.74 7.00 9.10
C PHE A 58 -7.17 7.28 7.67
N SER A 59 -6.22 7.79 6.89
CA SER A 59 -6.52 8.16 5.51
C SER A 59 -6.67 6.93 4.62
N ASP A 60 -5.71 6.00 4.70
CA ASP A 60 -5.65 4.83 3.83
C ASP A 60 -5.69 3.56 4.68
N PRO A 61 -6.97 3.15 5.22
CA PRO A 61 -7.08 1.90 5.99
C PRO A 61 -7.14 0.67 5.08
N LEU A 62 -5.96 0.28 4.58
CA LEU A 62 -5.85 -0.77 3.56
C LEU A 62 -6.21 -2.15 4.06
N ALA A 63 -6.41 -2.31 5.37
CA ALA A 63 -6.73 -3.61 5.95
C ALA A 63 -8.19 -3.79 6.27
N ASP A 64 -8.98 -2.71 6.27
CA ASP A 64 -10.37 -2.77 6.70
C ASP A 64 -11.31 -2.95 5.53
N GLY A 65 -12.51 -3.43 5.82
CA GLY A 65 -13.53 -3.60 4.82
C GLY A 65 -14.27 -2.31 4.53
N PRO A 66 -15.24 -2.39 3.63
CA PRO A 66 -15.97 -1.18 3.23
C PRO A 66 -16.67 -0.47 4.37
N THR A 67 -17.32 -1.21 5.27
CA THR A 67 -18.07 -0.56 6.36
C THR A 67 -17.16 0.29 7.23
N ILE A 68 -16.01 -0.26 7.62
CA ILE A 68 -15.07 0.51 8.43
C ILE A 68 -14.44 1.61 7.59
N GLN A 69 -14.25 1.38 6.29
CA GLN A 69 -13.68 2.41 5.43
C GLN A 69 -14.56 3.64 5.40
N GLU A 70 -15.86 3.45 5.17
CA GLU A 70 -16.80 4.58 5.15
C GLU A 70 -16.80 5.34 6.48
N ALA A 71 -16.35 4.71 7.56
CA ALA A 71 -16.40 5.33 8.87
C ALA A 71 -15.15 6.17 9.18
N ASN A 72 -13.97 5.71 8.74
CA ASN A 72 -12.80 6.58 8.74
C ASN A 72 -13.02 7.81 7.88
N ILE A 73 -13.76 7.67 6.77
CA ILE A 73 -14.02 8.80 5.90
C ILE A 73 -14.95 9.80 6.57
N ARG A 74 -16.04 9.32 7.18
CA ARG A 74 -16.97 10.22 7.84
C ARG A 74 -16.26 11.09 8.87
N ALA A 75 -15.36 10.50 9.66
CA ALA A 75 -14.68 11.25 10.71
C ALA A 75 -13.69 12.25 10.13
N LEU A 76 -12.92 11.84 9.10
CA LEU A 76 -11.95 12.75 8.52
C LEU A 76 -12.61 13.90 7.77
N GLU A 77 -13.73 13.62 7.10
CA GLU A 77 -14.48 14.67 6.41
C GLU A 77 -15.00 15.72 7.38
N SER A 78 -15.18 15.37 8.65
CA SER A 78 -15.66 16.29 9.66
C SER A 78 -14.53 17.01 10.39
N GLY A 79 -13.28 16.67 10.10
CA GLY A 79 -12.15 17.37 10.66
C GLY A 79 -11.49 16.71 11.85
N ILE A 80 -11.73 15.42 12.08
CA ILE A 80 -11.22 14.76 13.28
C ILE A 80 -9.71 14.66 13.25
N THR A 81 -9.09 14.92 14.38
CA THR A 81 -7.66 14.94 14.61
C THR A 81 -7.31 13.94 15.71
N PRO A 82 -6.12 13.35 15.69
CA PRO A 82 -5.68 12.59 16.87
C PRO A 82 -5.88 13.36 18.16
N LYS A 83 -5.63 14.67 18.16
CA LYS A 83 -5.94 15.51 19.31
C LYS A 83 -7.41 15.39 19.70
N ASP A 84 -8.31 15.52 18.71
CA ASP A 84 -9.74 15.39 19.00
C ASP A 84 -10.06 14.03 19.58
N CYS A 85 -9.29 12.99 19.21
CA CYS A 85 -9.58 11.66 19.71
C CYS A 85 -9.16 11.53 21.17
N PHE A 86 -8.00 12.07 21.53
CA PHE A 86 -7.55 12.03 22.91
C PHE A 86 -8.47 12.84 23.82
N ASP A 87 -9.05 13.93 23.32
CA ASP A 87 -10.05 14.65 24.09
C ASP A 87 -11.24 13.76 24.43
N ILE A 88 -11.67 12.94 23.47
CA ILE A 88 -12.80 12.05 23.70
C ILE A 88 -12.40 10.91 24.63
N LEU A 89 -11.22 10.31 24.39
CA LEU A 89 -10.73 9.25 25.27
C LEU A 89 -10.54 9.75 26.69
N THR A 90 -10.06 10.99 26.85
CA THR A 90 -9.87 11.54 28.19
C THR A 90 -11.20 11.78 28.88
N LYS A 91 -12.19 12.31 28.15
CA LYS A 91 -13.48 12.60 28.75
C LYS A 91 -14.23 11.33 29.11
N ILE A 92 -13.97 10.23 28.39
CA ILE A 92 -14.63 8.96 28.69
C ILE A 92 -14.06 8.33 29.94
N ARG A 93 -12.73 8.21 30.02
CA ARG A 93 -12.14 7.60 31.21
C ARG A 93 -12.39 8.44 32.45
N ALA A 94 -12.47 9.76 32.30
CA ALA A 94 -12.83 10.61 33.43
C ALA A 94 -14.18 10.23 34.01
N LYS A 95 -15.10 9.75 33.16
CA LYS A 95 -16.44 9.35 33.58
C LYS A 95 -16.51 7.88 33.97
N TYR A 96 -15.82 7.01 33.24
CA TYR A 96 -15.84 5.57 33.47
C TYR A 96 -14.42 5.10 33.77
N PRO A 97 -13.98 5.19 35.02
CA PRO A 97 -12.68 4.63 35.40
C PRO A 97 -12.71 3.11 35.33
N HIS A 98 -11.52 2.53 35.27
CA HIS A 98 -11.31 1.08 35.18
C HIS A 98 -12.34 0.41 34.27
N ILE A 99 -12.41 0.90 33.03
CA ILE A 99 -13.14 0.27 31.94
C ILE A 99 -12.14 0.05 30.82
N PRO A 100 -11.87 -1.20 30.43
CA PRO A 100 -10.79 -1.45 29.46
C PRO A 100 -11.06 -0.75 28.14
N ILE A 101 -10.06 0.02 27.68
CA ILE A 101 -10.14 0.78 26.42
C ILE A 101 -8.93 0.43 25.58
N GLY A 102 -9.17 -0.15 24.40
CA GLY A 102 -8.11 -0.42 23.45
C GLY A 102 -8.25 0.45 22.22
N LEU A 103 -7.14 0.68 21.53
CA LEU A 103 -7.13 1.47 20.31
C LEU A 103 -6.69 0.62 19.13
N LEU A 104 -7.41 0.77 18.02
CA LEU A 104 -7.06 0.14 16.75
C LEU A 104 -6.50 1.22 15.83
N LEU A 105 -5.18 1.19 15.63
CA LEU A 105 -4.45 2.25 14.94
C LEU A 105 -3.74 1.72 13.71
N TYR A 106 -3.45 2.63 12.79
CA TYR A 106 -2.50 2.36 11.72
C TYR A 106 -1.16 2.98 12.06
N ALA A 107 -0.09 2.34 11.58
CA ALA A 107 1.25 2.62 12.10
C ALA A 107 1.65 4.08 11.89
N ASN A 108 1.30 4.66 10.74
CA ASN A 108 1.81 5.98 10.43
C ASN A 108 1.31 7.05 11.40
N LEU A 109 0.12 6.86 11.97
CA LEU A 109 -0.31 7.78 13.01
C LEU A 109 0.62 7.72 14.23
N VAL A 110 1.23 6.56 14.46
CA VAL A 110 2.17 6.43 15.59
C VAL A 110 3.55 6.92 15.21
N TYR A 111 4.04 6.53 14.03
CA TYR A 111 5.41 6.84 13.62
C TYR A 111 5.58 8.33 13.36
N ALA A 112 4.66 8.93 12.63
CA ALA A 112 4.71 10.38 12.45
C ALA A 112 4.47 11.06 13.78
N ASN A 113 5.28 12.08 14.08
CA ASN A 113 5.27 12.81 15.35
C ASN A 113 5.74 11.96 16.52
N GLY A 114 6.53 10.91 16.26
CA GLY A 114 7.18 10.17 17.33
C GLY A 114 6.39 9.03 17.91
N ILE A 115 7.00 7.84 17.96
CA ILE A 115 6.31 6.66 18.49
C ILE A 115 5.99 6.86 19.96
N GLU A 116 7.03 7.01 20.79
CA GLU A 116 6.81 7.24 22.21
C GLU A 116 5.99 8.50 22.45
N ASN A 117 6.26 9.56 21.69
CA ASN A 117 5.48 10.79 21.84
C ASN A 117 4.00 10.52 21.64
N PHE A 118 3.66 9.65 20.70
CA PHE A 118 2.26 9.27 20.50
C PHE A 118 1.78 8.30 21.58
N TYR A 119 2.62 7.33 21.95
CA TYR A 119 2.26 6.38 23.00
C TYR A 119 2.00 7.09 24.33
N GLN A 120 2.74 8.16 24.61
CA GLN A 120 2.51 8.89 25.85
C GLN A 120 1.14 9.54 25.87
N LYS A 121 0.73 10.15 24.75
CA LYS A 121 -0.59 10.77 24.68
C LYS A 121 -1.69 9.74 24.92
N CYS A 122 -1.49 8.50 24.47
CA CYS A 122 -2.49 7.46 24.69
C CYS A 122 -2.67 7.17 26.18
N LEU A 123 -1.56 6.93 26.88
CA LEU A 123 -1.66 6.60 28.30
C LEU A 123 -2.22 7.75 29.10
N ASP A 124 -1.84 8.99 28.74
CA ASP A 124 -2.39 10.16 29.40
C ASP A 124 -3.89 10.27 29.18
N ALA A 125 -4.38 9.80 28.03
CA ALA A 125 -5.81 9.76 27.75
C ALA A 125 -6.51 8.58 28.41
N GLY A 126 -5.77 7.71 29.09
CA GLY A 126 -6.34 6.59 29.79
C GLY A 126 -6.41 5.29 29.01
N VAL A 127 -5.74 5.22 27.86
CA VAL A 127 -5.79 4.02 27.03
C VAL A 127 -5.07 2.86 27.73
N ASP A 128 -5.57 1.65 27.51
CA ASP A 128 -4.98 0.45 28.10
C ASP A 128 -4.22 -0.41 27.10
N SER A 129 -4.64 -0.44 25.84
CA SER A 129 -4.01 -1.31 24.87
C SER A 129 -4.05 -0.66 23.49
N ILE A 130 -3.14 -1.12 22.63
CA ILE A 130 -3.00 -0.60 21.26
C ILE A 130 -2.74 -1.77 20.33
N LEU A 131 -3.53 -1.85 19.27
CA LEU A 131 -3.33 -2.83 18.20
C LEU A 131 -3.03 -2.06 16.93
N ILE A 132 -1.83 -2.23 16.41
CA ILE A 132 -1.41 -1.57 15.16
C ILE A 132 -1.66 -2.55 14.02
N ALA A 133 -2.58 -2.17 13.13
CA ALA A 133 -3.09 -3.12 12.14
C ALA A 133 -2.01 -3.53 11.15
N ASP A 134 -1.16 -2.59 10.73
CA ASP A 134 -0.19 -2.86 9.67
C ASP A 134 1.22 -3.04 10.23
N VAL A 135 1.35 -3.61 11.42
CA VAL A 135 2.67 -3.98 11.94
C VAL A 135 2.63 -5.44 12.39
N PRO A 136 3.21 -6.36 11.61
CA PRO A 136 3.16 -7.78 11.99
C PRO A 136 4.07 -8.06 13.18
N ALA A 137 4.00 -9.32 13.65
CA ALA A 137 4.71 -9.68 14.87
C ALA A 137 6.22 -9.61 14.68
N HIS A 138 6.71 -10.07 13.54
CA HIS A 138 8.14 -10.10 13.29
C HIS A 138 8.75 -8.73 13.06
N GLU A 139 7.95 -7.67 13.11
CA GLU A 139 8.46 -6.32 12.88
C GLU A 139 7.91 -5.35 13.92
N SER A 140 7.60 -5.84 15.11
CA SER A 140 7.02 -5.03 16.16
C SER A 140 8.03 -4.55 17.19
N LYS A 141 9.31 -4.90 17.01
CA LYS A 141 10.31 -4.71 18.06
C LYS A 141 10.37 -3.24 18.49
N GLU A 142 10.47 -2.33 17.53
CA GLU A 142 10.54 -0.91 17.87
C GLU A 142 9.28 -0.45 18.59
N PHE A 143 8.12 -0.94 18.17
CA PHE A 143 6.87 -0.51 18.79
C PHE A 143 6.63 -1.17 20.14
N ARG A 144 7.01 -2.44 20.27
CA ARG A 144 6.73 -3.17 21.50
C ARG A 144 7.64 -2.74 22.64
N ASP A 145 8.91 -2.45 22.36
CA ASP A 145 9.82 -1.97 23.39
C ASP A 145 9.27 -0.71 24.05
N ILE A 146 8.86 0.27 23.23
CA ILE A 146 8.29 1.50 23.76
C ILE A 146 6.99 1.21 24.50
N ALA A 147 6.24 0.20 24.06
CA ALA A 147 4.99 -0.15 24.74
C ALA A 147 5.25 -0.64 26.16
N LYS A 148 6.32 -1.43 26.35
CA LYS A 148 6.64 -1.91 27.69
C LYS A 148 7.21 -0.82 28.58
N LYS A 149 7.80 0.22 28.00
CA LYS A 149 8.38 1.30 28.81
C LYS A 149 7.31 2.27 29.29
N VAL A 150 6.32 2.56 28.45
CA VAL A 150 5.25 3.48 28.85
C VAL A 150 4.21 2.78 29.71
N GLY A 151 4.00 1.49 29.48
CA GLY A 151 3.02 0.73 30.25
C GLY A 151 1.73 0.44 29.53
N ILE A 152 1.71 0.46 28.20
CA ILE A 152 0.55 0.11 27.41
C ILE A 152 0.72 -1.31 26.89
N ALA A 153 -0.36 -2.09 26.94
CA ALA A 153 -0.31 -3.44 26.40
C ALA A 153 -0.34 -3.40 24.87
N GLN A 154 0.51 -4.20 24.24
CA GLN A 154 0.54 -4.33 22.79
C GLN A 154 -0.25 -5.57 22.39
N ILE A 155 -1.24 -5.38 21.52
CA ILE A 155 -2.13 -6.45 21.09
C ILE A 155 -1.75 -6.90 19.69
N PHE A 156 -1.87 -8.20 19.43
CA PHE A 156 -1.50 -8.78 18.15
C PHE A 156 -2.63 -9.66 17.62
N ILE A 157 -2.78 -9.67 16.30
CA ILE A 157 -3.80 -10.48 15.63
C ILE A 157 -3.24 -11.87 15.38
N ALA A 158 -4.04 -12.90 15.68
CA ALA A 158 -3.65 -14.29 15.47
C ALA A 158 -4.45 -14.88 14.31
N PRO A 159 -3.97 -14.77 13.07
CA PRO A 159 -4.74 -15.32 11.94
C PRO A 159 -4.61 -16.83 11.90
N PRO A 160 -5.64 -17.54 11.42
CA PRO A 160 -5.65 -19.00 11.53
C PRO A 160 -4.69 -19.71 10.59
N ASP A 161 -3.92 -19.00 9.78
CA ASP A 161 -3.06 -19.65 8.78
C ASP A 161 -1.60 -19.22 8.90
N ALA A 162 -1.16 -18.79 10.08
CA ALA A 162 0.23 -18.44 10.29
C ALA A 162 1.02 -19.68 10.73
N SER A 163 2.35 -19.55 10.65
CA SER A 163 3.22 -20.63 11.10
C SER A 163 2.99 -20.92 12.57
N GLU A 164 3.19 -22.19 12.95
CA GLU A 164 3.23 -22.51 14.37
C GLU A 164 4.34 -21.72 15.06
N SER A 165 5.44 -21.47 14.33
CA SER A 165 6.47 -20.58 14.85
C SER A 165 5.94 -19.17 15.04
N THR A 166 5.27 -18.63 14.02
CA THR A 166 4.72 -17.28 14.14
C THR A 166 3.59 -17.25 15.18
N LEU A 167 2.78 -18.31 15.24
CA LEU A 167 1.69 -18.36 16.21
C LEU A 167 2.22 -18.43 17.64
N LYS A 168 3.33 -19.15 17.84
CA LYS A 168 4.00 -19.15 19.14
C LYS A 168 4.55 -17.77 19.47
N GLN A 169 5.07 -17.05 18.47
CA GLN A 169 5.65 -15.73 18.70
C GLN A 169 4.59 -14.72 19.13
N ILE A 170 3.39 -14.81 18.54
CA ILE A 170 2.31 -13.92 18.93
C ILE A 170 1.84 -14.20 20.35
N SER A 171 1.91 -15.46 20.79
CA SER A 171 1.50 -15.78 22.15
C SER A 171 2.42 -15.13 23.19
N GLU A 172 3.72 -15.06 22.89
CA GLU A 172 4.69 -14.55 23.84
C GLU A 172 4.76 -13.02 23.82
N LEU A 173 4.61 -12.40 22.64
CA LEU A 173 4.67 -10.95 22.55
C LEU A 173 3.38 -10.29 23.03
N GLY A 174 2.29 -11.04 23.13
CA GLY A 174 1.00 -10.45 23.37
C GLY A 174 0.77 -10.04 24.81
N SER A 175 -0.30 -9.27 25.00
CA SER A 175 -0.72 -8.79 26.30
C SER A 175 -2.18 -8.35 26.19
N GLY A 176 -2.84 -8.25 27.33
CA GLY A 176 -4.24 -7.86 27.34
C GLY A 176 -5.17 -8.95 26.84
N TYR A 177 -5.20 -9.15 25.52
CA TYR A 177 -5.91 -10.27 24.93
C TYR A 177 -5.30 -10.54 23.55
N THR A 178 -5.81 -11.57 22.89
CA THR A 178 -5.37 -11.95 21.55
C THR A 178 -6.53 -11.79 20.59
N TYR A 179 -6.32 -11.03 19.52
CA TYR A 179 -7.33 -10.86 18.48
C TYR A 179 -7.23 -12.04 17.52
N LEU A 180 -8.35 -12.75 17.33
CA LEU A 180 -8.40 -13.92 16.45
C LEU A 180 -9.27 -13.61 15.24
N LEU A 181 -8.75 -13.90 14.05
CA LEU A 181 -9.50 -13.77 12.80
C LEU A 181 -10.27 -15.04 12.44
N SER A 182 -10.28 -16.04 13.32
CA SER A 182 -10.96 -17.29 13.02
C SER A 182 -12.47 -17.10 13.00
N ARG A 183 -13.12 -17.81 12.08
CA ARG A 183 -14.56 -17.74 11.91
C ARG A 183 -15.25 -18.84 12.71
N VAL A 184 -16.54 -18.65 12.94
CA VAL A 184 -17.33 -19.63 13.68
C VAL A 184 -18.03 -20.57 12.71
N GLY A 185 -18.99 -20.05 11.96
CA GLY A 185 -19.73 -20.86 11.00
C GLY A 185 -18.91 -21.27 9.80
N MSE A 195 -7.40 -23.76 8.67
CA MSE A 195 -7.42 -24.55 9.89
C MSE A 195 -8.59 -24.11 10.80
O MSE A 195 -8.85 -22.93 10.93
CB MSE A 195 -6.08 -24.42 10.62
CG MSE A 195 -5.76 -25.57 11.56
SE MSE A 195 -4.04 -25.40 12.44
CE MSE A 195 -4.26 -23.59 13.14
N PRO A 196 -9.27 -25.08 11.41
CA PRO A 196 -10.48 -24.77 12.20
C PRO A 196 -10.16 -23.91 13.43
N VAL A 197 -11.24 -23.43 14.06
CA VAL A 197 -11.12 -22.47 15.17
C VAL A 197 -10.60 -23.16 16.43
N GLU A 198 -11.10 -24.34 16.75
CA GLU A 198 -10.67 -25.03 17.96
C GLU A 198 -9.17 -25.33 17.93
N ASP A 199 -8.70 -25.87 16.80
CA ASP A 199 -7.27 -26.17 16.68
C ASP A 199 -6.40 -24.92 16.76
N VAL A 200 -6.96 -23.74 16.51
CA VAL A 200 -6.22 -22.50 16.70
C VAL A 200 -6.06 -22.20 18.18
N LEU A 201 -7.17 -22.26 18.94
CA LEU A 201 -7.10 -21.99 20.37
C LEU A 201 -6.22 -23.00 21.09
N THR A 202 -6.17 -24.24 20.59
CA THR A 202 -5.33 -25.26 21.19
C THR A 202 -3.86 -24.86 21.16
N LYS A 203 -3.40 -24.31 20.03
CA LYS A 203 -2.02 -23.86 19.94
C LYS A 203 -1.79 -22.62 20.79
N LEU A 204 -2.80 -21.74 20.89
CA LEU A 204 -2.67 -20.54 21.70
C LEU A 204 -2.70 -20.86 23.19
N ARG A 205 -3.44 -21.90 23.59
CA ARG A 205 -3.48 -22.28 25.00
C ARG A 205 -2.17 -22.91 25.44
N GLU A 206 -1.58 -23.75 24.58
CA GLU A 206 -0.31 -24.39 24.90
C GLU A 206 0.82 -23.38 25.03
N TYR A 207 0.76 -22.28 24.28
CA TYR A 207 1.80 -21.28 24.26
C TYR A 207 1.53 -20.12 25.22
N ASN A 208 0.55 -20.26 26.11
CA ASN A 208 0.26 -19.28 27.15
C ASN A 208 -0.04 -17.90 26.56
N ALA A 209 -0.73 -17.88 25.42
CA ALA A 209 -1.16 -16.61 24.84
C ALA A 209 -2.11 -15.91 25.80
N PRO A 210 -2.21 -14.58 25.70
CA PRO A 210 -3.26 -13.88 26.42
C PRO A 210 -4.64 -14.36 26.00
N LYS A 211 -5.64 -14.06 26.83
CA LYS A 211 -6.97 -14.62 26.65
C LYS A 211 -7.49 -14.32 25.24
N PRO A 212 -8.05 -15.32 24.55
CA PRO A 212 -8.44 -15.12 23.15
C PRO A 212 -9.78 -14.43 23.01
N VAL A 213 -9.89 -13.59 21.98
CA VAL A 213 -11.12 -12.92 21.61
C VAL A 213 -11.33 -13.13 20.12
N LEU A 214 -12.57 -13.34 19.72
CA LEU A 214 -12.93 -13.47 18.31
C LEU A 214 -13.48 -12.15 17.78
N GLY A 215 -13.08 -11.79 16.56
CA GLY A 215 -13.45 -10.50 16.00
C GLY A 215 -14.10 -10.57 14.63
N PHE A 216 -13.56 -11.40 13.74
CA PHE A 216 -14.01 -11.42 12.35
C PHE A 216 -15.45 -11.93 12.24
N GLY A 217 -16.30 -11.13 11.61
CA GLY A 217 -17.66 -11.53 11.28
C GLY A 217 -18.54 -11.86 12.47
N ILE A 218 -18.57 -10.98 13.47
CA ILE A 218 -19.42 -11.14 14.64
C ILE A 218 -20.49 -10.05 14.55
N SER A 219 -21.65 -10.43 14.03
CA SER A 219 -22.70 -9.46 13.75
C SER A 219 -23.99 -9.72 14.51
N LYS A 220 -24.42 -10.97 14.59
CA LYS A 220 -25.67 -11.30 15.25
C LYS A 220 -25.42 -11.86 16.63
N PRO A 221 -26.41 -11.81 17.52
CA PRO A 221 -26.24 -12.44 18.85
C PRO A 221 -25.98 -13.93 18.77
N GLU A 222 -26.49 -14.61 17.75
CA GLU A 222 -26.17 -16.02 17.55
C GLU A 222 -24.66 -16.23 17.53
N GLN A 223 -23.94 -15.43 16.73
CA GLN A 223 -22.51 -15.64 16.57
C GLN A 223 -21.74 -15.38 17.86
N VAL A 224 -22.26 -14.52 18.73
CA VAL A 224 -21.61 -14.26 20.02
C VAL A 224 -21.77 -15.47 20.94
N GLN A 225 -22.98 -16.04 20.99
CA GLN A 225 -23.22 -17.19 21.85
C GLN A 225 -22.37 -18.38 21.44
N GLN A 226 -22.30 -18.65 20.14
CA GLN A 226 -21.43 -19.70 19.63
C GLN A 226 -19.97 -19.30 19.57
N ALA A 227 -19.60 -18.18 20.20
CA ALA A 227 -18.21 -17.78 20.34
C ALA A 227 -17.67 -17.98 21.74
N ILE A 228 -18.46 -17.69 22.78
CA ILE A 228 -18.06 -18.04 24.14
C ILE A 228 -18.03 -19.56 24.31
N LYS A 229 -19.01 -20.25 23.73
CA LYS A 229 -18.89 -21.68 23.50
C LYS A 229 -17.74 -21.92 22.53
N ALA A 230 -17.20 -23.13 22.56
CA ALA A 230 -15.98 -23.51 21.85
C ALA A 230 -14.74 -22.81 22.40
N GLY A 231 -14.88 -22.05 23.49
CA GLY A 231 -13.74 -21.62 24.28
C GLY A 231 -13.09 -20.32 23.87
N ALA A 232 -13.77 -19.21 24.08
CA ALA A 232 -13.19 -17.89 23.84
C ALA A 232 -13.61 -16.97 24.96
N ALA A 233 -12.67 -16.15 25.43
CA ALA A 233 -12.95 -15.26 26.55
C ALA A 233 -13.89 -14.13 26.17
N GLY A 234 -14.05 -13.84 24.89
CA GLY A 234 -14.92 -12.76 24.49
C GLY A 234 -15.06 -12.67 22.98
N ALA A 235 -15.71 -11.60 22.53
CA ALA A 235 -15.99 -11.40 21.12
C ALA A 235 -16.11 -9.90 20.81
N ILE A 236 -15.56 -9.51 19.66
CA ILE A 236 -15.58 -8.12 19.20
C ILE A 236 -16.44 -8.03 17.95
N SER A 237 -17.29 -7.01 17.89
CA SER A 237 -18.09 -6.72 16.70
C SER A 237 -17.56 -5.44 16.07
N GLY A 238 -16.98 -5.56 14.89
CA GLY A 238 -16.50 -4.40 14.18
C GLY A 238 -17.58 -3.75 13.33
N SER A 239 -17.86 -4.37 12.19
CA SER A 239 -18.75 -3.76 11.21
C SER A 239 -20.17 -3.61 11.74
N ALA A 240 -20.60 -4.52 12.61
CA ALA A 240 -22.00 -4.51 13.05
C ALA A 240 -22.33 -3.26 13.86
N THR A 241 -21.38 -2.79 14.66
CA THR A 241 -21.65 -1.58 15.44
C THR A 241 -21.51 -0.34 14.57
N VAL A 242 -20.48 -0.29 13.73
CA VAL A 242 -20.29 0.85 12.84
C VAL A 242 -21.48 0.99 11.89
N LYS A 243 -22.05 -0.13 11.43
CA LYS A 243 -23.13 -0.07 10.45
C LYS A 243 -24.37 0.63 10.99
N ILE A 244 -24.61 0.53 12.30
CA ILE A 244 -25.73 1.24 12.90
C ILE A 244 -25.53 2.75 12.81
N ILE A 245 -24.28 3.20 12.91
CA ILE A 245 -23.98 4.61 12.72
C ILE A 245 -24.25 5.01 11.27
N GLN A 246 -23.85 4.14 10.32
CA GLN A 246 -23.96 4.47 8.90
C GLN A 246 -25.40 4.60 8.45
N ASN A 247 -26.28 3.77 8.99
CA ASN A 247 -27.67 3.70 8.56
C ASN A 247 -28.56 4.73 9.25
N ASN A 248 -28.02 5.52 10.18
CA ASN A 248 -28.85 6.48 10.90
C ASN A 248 -28.17 7.85 11.01
N ILE A 249 -27.41 8.25 9.98
CA ILE A 249 -26.59 9.46 10.06
C ILE A 249 -27.45 10.69 10.27
N SER A 250 -28.59 10.77 9.59
CA SER A 250 -29.46 11.93 9.73
C SER A 250 -30.29 11.92 11.01
N ASN A 251 -30.44 10.76 11.65
CA ASN A 251 -31.35 10.58 12.79
C ASN A 251 -30.55 10.29 14.04
N LYS A 252 -30.26 11.33 14.83
CA LYS A 252 -29.44 11.16 16.01
C LYS A 252 -30.15 10.35 17.09
N GLN A 253 -31.44 10.60 17.29
CA GLN A 253 -32.15 9.95 18.40
C GLN A 253 -32.38 8.47 18.11
N LYS A 254 -32.70 8.12 16.87
CA LYS A 254 -32.88 6.71 16.53
C LYS A 254 -31.55 5.97 16.58
N MSE A 255 -30.46 6.63 16.16
CA MSE A 255 -29.15 5.98 16.16
C MSE A 255 -28.76 5.48 17.54
O MSE A 255 -28.37 4.32 17.69
CB MSE A 255 -28.07 6.94 15.64
CG MSE A 255 -26.69 6.29 15.60
SE MSE A 255 -25.23 7.56 15.39
CE MSE A 255 -25.56 8.15 13.57
N LEU A 256 -28.86 6.34 18.54
CA LEU A 256 -28.46 5.95 19.88
C LEU A 256 -29.35 4.86 20.45
N ASN A 257 -30.65 4.89 20.11
CA ASN A 257 -31.55 3.84 20.60
C ASN A 257 -31.26 2.51 19.93
N GLU A 258 -31.14 2.49 18.59
CA GLU A 258 -30.70 1.28 17.90
C GLU A 258 -29.33 0.84 18.39
N LEU A 259 -28.53 1.76 18.91
CA LEU A 259 -27.21 1.42 19.40
C LEU A 259 -27.29 0.77 20.79
N THR A 260 -28.05 1.38 21.71
CA THR A 260 -28.19 0.79 23.04
C THR A 260 -28.86 -0.58 22.95
N TYR A 261 -29.83 -0.74 22.06
CA TYR A 261 -30.48 -2.03 21.88
C TYR A 261 -29.49 -3.07 21.38
N PHE A 262 -28.61 -2.67 20.46
CA PHE A 262 -27.63 -3.59 19.90
C PHE A 262 -26.68 -4.11 20.97
N VAL A 263 -26.19 -3.21 21.83
CA VAL A 263 -25.22 -3.61 22.85
C VAL A 263 -25.86 -4.55 23.85
N LYS A 264 -27.11 -4.28 24.23
CA LYS A 264 -27.78 -5.11 25.22
C LYS A 264 -28.02 -6.53 24.69
N GLU A 265 -28.48 -6.65 23.45
CA GLU A 265 -28.77 -7.98 22.91
C GLU A 265 -27.49 -8.74 22.60
N MSE A 266 -26.40 -8.05 22.33
CA MSE A 266 -25.12 -8.70 22.06
C MSE A 266 -24.44 -9.10 23.36
O MSE A 266 -23.69 -10.07 23.41
CB MSE A 266 -24.22 -7.80 21.24
CG MSE A 266 -24.72 -7.54 19.83
SE MSE A 266 -24.38 -9.03 18.63
CE MSE A 266 -22.54 -8.62 18.12
N LYS A 267 -24.68 -8.31 24.41
CA LYS A 267 -24.14 -8.65 25.73
C LYS A 267 -24.88 -9.83 26.34
N ALA A 268 -26.19 -9.92 26.11
CA ALA A 268 -26.96 -11.03 26.66
C ALA A 268 -26.45 -12.37 26.13
N ALA A 269 -25.90 -12.38 24.93
CA ALA A 269 -25.37 -13.60 24.32
C ALA A 269 -24.04 -14.04 24.92
N THR A 270 -23.47 -13.27 25.86
CA THR A 270 -22.23 -13.65 26.50
C THR A 270 -22.44 -14.31 27.86
N LEU A 271 -23.68 -14.44 28.31
CA LEU A 271 -23.97 -15.07 29.59
C LEU A 271 -24.10 -16.57 29.44
N ASN A 272 -23.82 -17.27 30.54
CA ASN A 272 -23.88 -18.74 30.61
C ASN A 272 -23.10 -19.42 29.48
N MSE B 1 19.77 -21.11 2.09
CA MSE B 1 19.22 -19.79 2.34
C MSE B 1 17.72 -19.78 2.14
O MSE B 1 17.21 -20.33 1.16
CB MSE B 1 19.89 -18.76 1.44
N SER B 2 17.01 -19.14 3.07
CA SER B 2 15.56 -19.04 3.00
C SER B 2 15.12 -17.66 3.48
N LYS B 3 15.89 -16.63 3.16
CA LYS B 3 15.56 -15.27 3.54
C LYS B 3 16.36 -14.28 2.70
N LEU B 4 15.73 -13.16 2.38
CA LEU B 4 16.34 -12.08 1.61
C LEU B 4 16.06 -10.77 2.33
N ASN B 5 17.03 -9.86 2.30
CA ASN B 5 16.92 -8.62 3.05
C ASN B 5 15.71 -7.81 2.59
N ALA B 6 14.88 -7.41 3.54
CA ALA B 6 13.65 -6.67 3.27
C ALA B 6 13.84 -5.16 3.37
N TYR B 7 15.05 -4.69 3.67
CA TYR B 7 15.27 -3.27 3.92
C TYR B 7 16.34 -2.70 3.00
N PHE B 8 16.26 -1.38 2.81
CA PHE B 8 17.25 -0.59 2.08
C PHE B 8 17.63 0.55 3.02
N GLY B 9 18.46 0.26 4.01
CA GLY B 9 18.86 1.28 4.96
C GLY B 9 17.70 1.84 5.76
N GLU B 10 16.94 0.94 6.38
CA GLU B 10 15.75 1.24 7.17
C GLU B 10 14.61 1.81 6.31
N TYR B 11 14.69 1.67 5.00
CA TYR B 11 13.56 1.96 4.12
C TYR B 11 12.99 0.65 3.61
N GLY B 12 11.66 0.58 3.54
CA GLY B 12 11.01 -0.60 3.02
C GLY B 12 10.33 -1.43 4.08
N GLY B 13 10.69 -2.71 4.17
CA GLY B 13 10.11 -3.59 5.18
C GLY B 13 8.88 -4.35 4.70
N GLN B 14 8.10 -4.83 5.69
CA GLN B 14 6.90 -5.62 5.48
C GLN B 14 5.83 -5.20 6.49
N PHE B 15 5.36 -3.96 6.37
CA PHE B 15 4.38 -3.41 7.31
C PHE B 15 2.94 -3.70 6.85
N VAL B 16 2.64 -4.99 6.75
CA VAL B 16 1.34 -5.46 6.33
C VAL B 16 0.62 -6.06 7.54
N PRO B 17 -0.70 -6.27 7.48
CA PRO B 17 -1.37 -7.01 8.56
C PRO B 17 -0.85 -8.44 8.63
N GLN B 18 -1.01 -9.05 9.81
CA GLN B 18 -0.46 -10.39 10.02
C GLN B 18 -1.02 -11.40 9.02
N ILE B 19 -2.29 -11.25 8.65
CA ILE B 19 -2.94 -12.18 7.73
C ILE B 19 -2.22 -12.28 6.39
N LEU B 20 -1.43 -11.28 6.02
CA LEU B 20 -0.72 -11.28 4.74
C LEU B 20 0.71 -11.78 4.81
N VAL B 21 1.25 -12.00 6.01
CA VAL B 21 2.65 -12.41 6.13
C VAL B 21 2.92 -13.75 5.45
N PRO B 22 2.13 -14.80 5.67
CA PRO B 22 2.42 -16.07 4.96
C PRO B 22 2.36 -15.94 3.45
N ALA B 23 1.57 -14.99 2.91
CA ALA B 23 1.57 -14.76 1.47
C ALA B 23 2.90 -14.18 1.01
N LEU B 24 3.46 -13.24 1.77
CA LEU B 24 4.73 -12.64 1.39
C LEU B 24 5.87 -13.64 1.55
N ASP B 25 5.88 -14.39 2.65
CA ASP B 25 6.93 -15.40 2.85
C ASP B 25 6.90 -16.43 1.73
N GLN B 26 5.71 -16.90 1.37
N GLN B 26 5.71 -16.88 1.34
CA GLN B 26 5.59 -17.87 0.29
CA GLN B 26 5.63 -17.90 0.30
C GLN B 26 6.10 -17.30 -1.03
C GLN B 26 6.01 -17.34 -1.07
N LEU B 27 5.68 -16.08 -1.35
CA LEU B 27 6.12 -15.45 -2.59
C LEU B 27 7.63 -15.25 -2.60
N GLU B 28 8.22 -14.95 -1.44
CA GLU B 28 9.66 -14.77 -1.36
C GLU B 28 10.39 -16.08 -1.67
N GLN B 29 9.94 -17.18 -1.05
CA GLN B 29 10.63 -18.45 -1.26
C GLN B 29 10.55 -18.90 -2.71
N GLU B 30 9.37 -18.74 -3.33
CA GLU B 30 9.23 -19.13 -4.73
C GLU B 30 10.11 -18.28 -5.62
N PHE B 31 10.23 -16.99 -5.31
CA PHE B 31 11.07 -16.12 -6.13
C PHE B 31 12.54 -16.53 -6.05
N ILE B 32 12.99 -16.95 -4.87
CA ILE B 32 14.37 -17.38 -4.73
C ILE B 32 14.63 -18.65 -5.53
N LYS B 33 13.70 -19.61 -5.46
CA LYS B 33 13.83 -20.81 -6.27
C LYS B 33 13.78 -20.48 -7.76
N ALA B 34 12.97 -19.49 -8.14
CA ALA B 34 12.84 -19.13 -9.55
C ALA B 34 14.15 -18.56 -10.10
N GLN B 35 14.81 -17.70 -9.32
CA GLN B 35 16.07 -17.14 -9.78
C GLN B 35 17.19 -18.17 -9.84
N ALA B 36 17.00 -19.36 -9.26
CA ALA B 36 17.97 -20.43 -9.36
C ALA B 36 17.62 -21.43 -10.47
N ASP B 37 16.33 -21.56 -10.80
CA ASP B 37 15.91 -22.44 -11.88
C ASP B 37 16.30 -21.81 -13.21
N GLU B 38 17.09 -22.53 -14.01
CA GLU B 38 17.56 -21.96 -15.25
C GLU B 38 16.54 -22.09 -16.38
N SER B 39 15.65 -23.10 -16.30
CA SER B 39 14.56 -23.17 -17.26
C SER B 39 13.59 -22.02 -17.08
N PHE B 40 13.49 -21.46 -15.87
CA PHE B 40 12.71 -20.25 -15.65
C PHE B 40 13.38 -19.06 -16.30
N LYS B 41 14.69 -18.90 -16.09
CA LYS B 41 15.41 -17.75 -16.65
C LYS B 41 15.41 -17.78 -18.18
N GLN B 42 15.47 -18.96 -18.79
CA GLN B 42 15.44 -19.03 -20.25
C GLN B 42 14.04 -18.76 -20.78
N GLU B 43 13.02 -19.28 -20.10
CA GLU B 43 11.65 -18.98 -20.52
C GLU B 43 11.33 -17.50 -20.37
N PHE B 44 11.91 -16.84 -19.36
CA PHE B 44 11.70 -15.40 -19.21
C PHE B 44 12.35 -14.64 -20.36
N LYS B 45 13.55 -15.05 -20.78
CA LYS B 45 14.24 -14.34 -21.85
C LYS B 45 13.55 -14.58 -23.19
N GLU B 46 13.23 -15.84 -23.51
CA GLU B 46 12.47 -16.11 -24.73
C GLU B 46 11.16 -15.34 -24.74
N LEU B 47 10.56 -15.13 -23.56
CA LEU B 47 9.33 -14.35 -23.48
C LEU B 47 9.61 -12.88 -23.78
N LEU B 48 10.65 -12.32 -23.17
CA LEU B 48 10.94 -10.90 -23.39
C LEU B 48 11.41 -10.65 -24.82
N GLN B 49 12.14 -11.59 -25.41
CA GLN B 49 12.73 -11.37 -26.72
C GLN B 49 11.77 -11.76 -27.85
N GLU B 50 11.33 -13.01 -27.87
CA GLU B 50 10.51 -13.47 -28.97
C GLU B 50 9.06 -13.03 -28.87
N TYR B 51 8.65 -12.44 -27.76
CA TYR B 51 7.25 -12.03 -27.60
C TYR B 51 7.13 -10.55 -27.25
N ALA B 52 7.90 -10.09 -26.26
CA ALA B 52 7.79 -8.70 -25.84
C ALA B 52 8.60 -7.75 -26.72
N GLY B 53 9.62 -8.25 -27.42
CA GLY B 53 10.36 -7.45 -28.37
C GLY B 53 11.77 -7.08 -27.94
N ARG B 54 12.21 -7.48 -26.75
CA ARG B 54 13.54 -7.13 -26.29
C ARG B 54 14.60 -7.81 -27.17
N PRO B 55 15.79 -7.20 -27.31
CA PRO B 55 16.18 -5.91 -26.74
C PRO B 55 15.54 -4.72 -27.45
N THR B 56 15.24 -3.67 -26.70
CA THR B 56 14.66 -2.46 -27.27
C THR B 56 15.77 -1.54 -27.78
N ALA B 57 15.43 -0.72 -28.77
CA ALA B 57 16.43 0.13 -29.40
C ALA B 57 16.98 1.16 -28.43
N LEU B 58 18.14 1.70 -28.78
CA LEU B 58 18.77 2.82 -28.07
C LEU B 58 18.99 3.91 -29.11
N THR B 59 18.02 4.81 -29.23
CA THR B 59 18.01 5.81 -30.29
C THR B 59 18.86 7.02 -29.90
N LYS B 60 19.59 7.55 -30.89
CA LYS B 60 20.32 8.81 -30.73
C LYS B 60 19.48 9.92 -31.36
N THR B 61 19.08 10.88 -30.54
CA THR B 61 18.31 12.01 -31.05
C THR B 61 19.15 12.83 -32.03
N ARG B 62 18.49 13.38 -33.04
CA ARG B 62 19.16 14.10 -34.12
C ARG B 62 18.99 15.61 -34.06
N ASN B 63 17.84 16.11 -33.62
CA ASN B 63 17.54 17.53 -33.75
C ASN B 63 17.16 18.22 -32.46
N ILE B 64 16.67 17.51 -31.44
CA ILE B 64 16.11 18.19 -30.27
C ILE B 64 17.19 18.92 -29.48
N VAL B 65 18.43 18.42 -29.50
CA VAL B 65 19.51 19.13 -28.82
C VAL B 65 20.65 19.42 -29.79
N LYS B 66 20.31 19.70 -31.05
CA LYS B 66 21.33 19.99 -32.06
C LYS B 66 22.08 21.29 -31.77
N ASN B 67 21.39 22.27 -31.17
CA ASN B 67 21.97 23.56 -30.82
C ASN B 67 22.95 23.48 -29.66
N THR B 68 23.23 22.28 -29.14
CA THR B 68 24.14 22.09 -28.02
C THR B 68 25.17 21.03 -28.39
N ARG B 69 26.09 20.76 -27.46
CA ARG B 69 27.09 19.72 -27.62
C ARG B 69 26.74 18.46 -26.85
N THR B 70 25.47 18.31 -26.47
CA THR B 70 25.00 17.15 -25.72
C THR B 70 24.57 16.05 -26.68
N LYS B 71 25.12 14.85 -26.49
CA LYS B 71 24.70 13.67 -27.23
C LYS B 71 23.65 12.94 -26.39
N LEU B 72 22.40 13.03 -26.81
CA LEU B 72 21.24 12.60 -26.02
C LEU B 72 20.66 11.32 -26.61
N TYR B 73 20.64 10.25 -25.83
CA TYR B 73 20.15 8.94 -26.23
C TYR B 73 18.85 8.59 -25.51
N LEU B 74 18.00 7.81 -26.19
CA LEU B 74 16.71 7.38 -25.68
C LEU B 74 16.64 5.86 -25.65
N LYS B 75 16.40 5.30 -24.46
CA LYS B 75 16.15 3.87 -24.36
C LYS B 75 14.68 3.61 -24.70
N ARG B 76 14.44 2.86 -25.77
CA ARG B 76 13.14 2.85 -26.45
C ARG B 76 12.22 1.79 -25.84
N GLU B 77 11.82 2.03 -24.59
CA GLU B 77 10.84 1.15 -23.97
C GLU B 77 9.43 1.40 -24.51
N ASP B 78 9.23 2.44 -25.33
CA ASP B 78 7.96 2.64 -26.01
C ASP B 78 7.76 1.62 -27.13
N LEU B 79 8.83 1.01 -27.62
CA LEU B 79 8.76 0.00 -28.67
C LEU B 79 8.50 -1.39 -28.12
N LEU B 80 8.43 -1.54 -26.79
CA LEU B 80 8.11 -2.81 -26.19
C LEU B 80 6.63 -3.14 -26.41
N HIS B 81 6.32 -4.43 -26.40
CA HIS B 81 4.94 -4.86 -26.56
C HIS B 81 4.09 -4.37 -25.39
N GLY B 82 2.98 -3.71 -25.72
CA GLY B 82 2.16 -3.05 -24.72
C GLY B 82 2.41 -1.56 -24.61
N GLY B 83 3.48 -1.06 -25.20
CA GLY B 83 3.75 0.36 -25.25
C GLY B 83 4.37 0.96 -24.01
N ALA B 84 4.76 0.14 -23.03
CA ALA B 84 5.38 0.65 -21.82
C ALA B 84 6.27 -0.43 -21.23
N HIS B 85 7.08 -0.02 -20.25
CA HIS B 85 8.05 -0.90 -19.62
C HIS B 85 7.40 -1.94 -18.71
N1 LLP B 86 6.23 5.41 -17.02
C2 LLP B 86 5.25 4.91 -17.78
C2' LLP B 86 5.29 5.05 -19.34
C3 LLP B 86 4.14 4.25 -17.18
O3 LLP B 86 3.11 3.74 -17.98
C4 LLP B 86 4.08 4.10 -15.81
C4' LLP B 86 2.82 3.36 -15.13
C5 LLP B 86 5.08 4.60 -15.03
C6 LLP B 86 6.18 5.25 -15.63
C5' LLP B 86 4.96 4.42 -13.48
OP4 LLP B 86 6.17 4.75 -12.84
P LLP B 86 7.06 3.63 -12.26
OP1 LLP B 86 7.90 3.01 -13.38
OP2 LLP B 86 7.94 4.26 -11.24
OP3 LLP B 86 6.23 2.56 -11.62
N LLP B 86 6.17 -1.67 -18.30
CA LLP B 86 5.44 -2.53 -17.34
CB LLP B 86 4.03 -2.02 -17.14
CG LLP B 86 4.08 -0.58 -16.61
CD LLP B 86 2.71 -0.24 -15.98
CE LLP B 86 2.88 1.00 -15.09
NZ LLP B 86 2.52 2.18 -15.88
C LLP B 86 5.37 -3.95 -17.77
O LLP B 86 5.42 -4.85 -16.95
N THR B 87 5.27 -4.17 -19.09
CA THR B 87 5.21 -5.51 -19.66
C THR B 87 6.35 -6.42 -19.17
N ASN B 88 7.52 -5.84 -18.94
CA ASN B 88 8.67 -6.62 -18.48
C ASN B 88 8.35 -7.35 -17.17
N GLN B 89 8.07 -6.58 -16.11
CA GLN B 89 7.89 -7.20 -14.80
C GLN B 89 6.54 -7.90 -14.68
N VAL B 90 5.58 -7.56 -15.54
CA VAL B 90 4.30 -8.27 -15.51
C VAL B 90 4.46 -9.67 -16.09
N LEU B 91 5.26 -9.82 -17.15
CA LEU B 91 5.52 -11.16 -17.68
C LEU B 91 6.30 -11.99 -16.67
N GLY B 92 7.20 -11.37 -15.91
CA GLY B 92 7.97 -12.11 -14.92
C GLY B 92 7.10 -12.62 -13.79
N GLN B 93 6.31 -11.74 -13.18
CA GLN B 93 5.47 -12.14 -12.06
C GLN B 93 4.44 -13.19 -12.47
N ALA B 94 3.83 -13.01 -13.65
CA ALA B 94 2.86 -14.00 -14.13
C ALA B 94 3.53 -15.35 -14.34
N LEU B 95 4.71 -15.35 -14.97
CA LEU B 95 5.46 -16.59 -15.10
C LEU B 95 5.83 -17.17 -13.74
N LEU B 96 6.12 -16.28 -12.78
CA LEU B 96 6.43 -16.74 -11.42
C LEU B 96 5.21 -17.36 -10.76
N ALA B 97 4.04 -16.74 -10.92
CA ALA B 97 2.83 -17.30 -10.36
C ALA B 97 2.42 -18.59 -11.05
N LYS B 98 2.85 -18.79 -12.28
CA LYS B 98 2.47 -20.00 -13.00
C LYS B 98 3.16 -21.23 -12.40
N ARG B 99 4.38 -21.08 -11.89
CA ARG B 99 5.09 -22.20 -11.29
C ARG B 99 4.92 -22.28 -9.78
N MSE B 100 4.10 -21.41 -9.19
CA MSE B 100 3.65 -21.60 -7.82
C MSE B 100 2.46 -22.53 -7.82
O MSE B 100 1.91 -22.87 -6.77
CB MSE B 100 3.29 -20.27 -7.15
CG MSE B 100 4.46 -19.33 -6.96
SE MSE B 100 4.06 -17.93 -5.66
CE MSE B 100 2.87 -16.82 -6.73
N GLY B 101 2.05 -22.93 -9.03
CA GLY B 101 0.87 -23.74 -9.23
C GLY B 101 -0.42 -22.98 -9.29
N LYS B 102 -0.36 -21.64 -9.32
CA LYS B 102 -1.57 -20.83 -9.27
C LYS B 102 -2.07 -20.52 -10.68
N LYS B 103 -3.39 -20.45 -10.82
CA LYS B 103 -3.98 -20.11 -12.10
C LYS B 103 -4.64 -18.73 -12.11
N GLU B 104 -4.89 -18.15 -10.94
CA GLU B 104 -5.57 -16.87 -10.82
C GLU B 104 -4.57 -15.76 -10.52
N ILE B 105 -4.91 -14.53 -10.93
CA ILE B 105 -4.06 -13.37 -10.70
C ILE B 105 -4.93 -12.16 -10.37
N ILE B 106 -4.65 -11.53 -9.23
CA ILE B 106 -5.33 -10.32 -8.79
C ILE B 106 -4.47 -9.12 -9.12
N ALA B 107 -5.10 -8.04 -9.56
CA ALA B 107 -4.39 -6.82 -9.93
C ALA B 107 -5.33 -5.63 -9.78
N GLU B 108 -4.73 -4.44 -9.72
CA GLU B 108 -5.47 -3.20 -9.60
C GLU B 108 -4.83 -2.20 -10.55
N THR B 109 -5.61 -1.21 -10.97
CA THR B 109 -5.08 -0.19 -11.87
C THR B 109 -5.90 1.07 -11.76
N GLY B 110 -5.28 2.19 -12.10
CA GLY B 110 -5.94 3.47 -12.12
C GLY B 110 -6.20 3.97 -13.53
N ALA B 111 -5.13 4.36 -14.23
CA ALA B 111 -5.28 4.77 -15.62
C ALA B 111 -5.66 3.60 -16.51
N GLY B 112 -5.17 2.41 -16.20
CA GLY B 112 -5.43 1.22 -17.00
C GLY B 112 -4.19 0.58 -17.57
N GLN B 113 -3.04 1.26 -17.50
CA GLN B 113 -1.82 0.72 -18.11
C GLN B 113 -1.42 -0.60 -17.48
N HIS B 114 -1.37 -0.65 -16.14
CA HIS B 114 -1.00 -1.90 -15.50
C HIS B 114 -2.06 -2.97 -15.74
N GLY B 115 -3.33 -2.57 -15.76
CA GLY B 115 -4.40 -3.53 -16.01
C GLY B 115 -4.28 -4.17 -17.39
N VAL B 116 -4.01 -3.37 -18.40
CA VAL B 116 -3.82 -3.90 -19.75
C VAL B 116 -2.61 -4.82 -19.80
N ALA B 117 -1.50 -4.43 -19.14
CA ALA B 117 -0.31 -5.27 -19.15
C ALA B 117 -0.56 -6.59 -18.42
N THR B 118 -1.29 -6.56 -17.30
CA THR B 118 -1.61 -7.81 -16.62
C THR B 118 -2.52 -8.69 -17.47
N ALA B 119 -3.45 -8.08 -18.20
CA ALA B 119 -4.38 -8.85 -19.00
C ALA B 119 -3.67 -9.58 -20.13
N LEU B 120 -2.75 -8.90 -20.84
CA LEU B 120 -2.10 -9.54 -21.98
C LEU B 120 -1.15 -10.65 -21.52
N ALA B 121 -0.55 -10.50 -20.35
CA ALA B 121 0.31 -11.56 -19.82
C ALA B 121 -0.51 -12.77 -19.43
N CYS B 122 -1.62 -12.55 -18.73
CA CYS B 122 -2.49 -13.65 -18.32
C CYS B 122 -3.16 -14.31 -19.51
N ALA B 123 -3.35 -13.57 -20.60
CA ALA B 123 -3.92 -14.17 -21.80
C ALA B 123 -2.93 -15.11 -22.47
N LEU B 124 -1.66 -14.69 -22.55
CA LEU B 124 -0.64 -15.53 -23.18
C LEU B 124 -0.32 -16.75 -22.33
N LEU B 125 -0.23 -16.58 -21.01
CA LEU B 125 0.16 -17.67 -20.13
C LEU B 125 -1.02 -18.42 -19.55
N ASP B 126 -2.23 -18.17 -20.05
CA ASP B 126 -3.44 -18.88 -19.64
C ASP B 126 -3.63 -18.79 -18.12
N LEU B 127 -3.89 -17.56 -17.67
CA LEU B 127 -4.13 -17.27 -16.27
C LEU B 127 -5.42 -16.48 -16.14
N LYS B 128 -6.22 -16.82 -15.13
CA LYS B 128 -7.47 -16.12 -14.87
C LYS B 128 -7.16 -14.80 -14.18
N CYS B 129 -7.51 -13.70 -14.83
CA CYS B 129 -7.04 -12.37 -14.44
C CYS B 129 -8.22 -11.54 -13.95
N ARG B 130 -8.16 -11.09 -12.70
CA ARG B 130 -9.13 -10.17 -12.11
C ARG B 130 -8.41 -8.86 -11.83
N VAL B 131 -8.91 -7.77 -12.42
CA VAL B 131 -8.34 -6.45 -12.21
C VAL B 131 -9.37 -5.59 -11.50
N TYR B 132 -8.98 -5.00 -10.37
CA TYR B 132 -9.85 -4.08 -9.65
C TYR B 132 -9.64 -2.66 -10.16
N MSE B 133 -10.71 -1.88 -10.12
CA MSE B 133 -10.67 -0.55 -10.69
C MSE B 133 -11.72 0.37 -10.09
O MSE B 133 -12.87 -0.06 -9.88
CB MSE B 133 -10.82 -0.62 -12.20
CG MSE B 133 -10.36 0.62 -12.93
SE MSE B 133 -10.35 0.30 -14.84
CE MSE B 133 -9.61 2.02 -15.40
N GLY B 134 -11.34 1.61 -9.81
CA GLY B 134 -12.29 2.55 -9.23
C GLY B 134 -13.42 2.85 -10.21
N ALA B 135 -14.65 2.89 -9.67
CA ALA B 135 -15.81 3.11 -10.51
C ALA B 135 -15.69 4.40 -11.32
N LYS B 136 -15.06 5.43 -10.74
CA LYS B 136 -14.84 6.67 -11.48
C LYS B 136 -13.80 6.46 -12.58
N ASP B 137 -12.75 5.68 -12.30
CA ASP B 137 -11.75 5.40 -13.33
C ASP B 137 -12.32 4.53 -14.45
N VAL B 138 -13.24 3.62 -14.13
CA VAL B 138 -13.90 2.84 -15.17
C VAL B 138 -14.64 3.76 -16.14
N GLU B 139 -15.31 4.78 -15.61
CA GLU B 139 -16.03 5.70 -16.47
C GLU B 139 -15.08 6.50 -17.36
N ARG B 140 -13.93 6.91 -16.82
CA ARG B 140 -13.01 7.75 -17.58
C ARG B 140 -12.14 6.97 -18.55
N GLN B 141 -12.14 5.64 -18.51
CA GLN B 141 -11.21 4.84 -19.29
C GLN B 141 -11.96 3.76 -20.08
N SER B 142 -12.89 4.19 -20.91
CA SER B 142 -13.61 3.24 -21.76
C SER B 142 -12.70 2.47 -22.71
N PRO B 143 -11.74 3.07 -23.42
CA PRO B 143 -10.90 2.25 -24.30
C PRO B 143 -10.05 1.22 -23.56
N ASN B 144 -9.51 1.57 -22.39
CA ASN B 144 -8.67 0.63 -21.66
C ASN B 144 -9.47 -0.50 -21.00
N VAL B 145 -10.70 -0.22 -20.58
CA VAL B 145 -11.55 -1.29 -20.07
C VAL B 145 -11.90 -2.27 -21.19
N PHE B 146 -12.19 -1.74 -22.38
CA PHE B 146 -12.50 -2.62 -23.51
C PHE B 146 -11.28 -3.42 -23.94
N ARG B 147 -10.07 -2.86 -23.82
CA ARG B 147 -8.87 -3.64 -24.09
C ARG B 147 -8.75 -4.80 -23.13
N MSE B 148 -8.93 -4.54 -21.85
CA MSE B 148 -8.80 -5.57 -20.82
C MSE B 148 -9.83 -6.67 -21.00
O MSE B 148 -9.53 -7.85 -20.84
CB MSE B 148 -8.92 -4.95 -19.43
CG MSE B 148 -7.72 -4.14 -19.00
SE MSE B 148 -7.94 -3.35 -17.22
CE MSE B 148 -9.18 -4.65 -16.49
N LYS B 149 -11.07 -6.29 -21.35
CA LYS B 149 -12.12 -7.28 -21.56
C LYS B 149 -11.86 -8.10 -22.82
N LEU B 150 -11.32 -7.47 -23.88
CA LEU B 150 -11.00 -8.19 -25.11
C LEU B 150 -9.99 -9.30 -24.87
N MSE B 151 -9.20 -9.21 -23.81
CA MSE B 151 -8.15 -10.20 -23.56
C MSE B 151 -8.52 -11.12 -22.40
O MSE B 151 -7.66 -11.77 -21.81
CB MSE B 151 -6.82 -9.49 -23.29
CG MSE B 151 -6.33 -8.73 -24.51
SE MSE B 151 -4.71 -7.68 -24.23
CE MSE B 151 -5.39 -6.41 -22.92
N GLY B 152 -9.82 -11.19 -22.11
CA GLY B 152 -10.36 -12.19 -21.21
C GLY B 152 -10.27 -11.87 -19.74
N ALA B 153 -9.99 -10.63 -19.38
CA ALA B 153 -9.85 -10.28 -17.97
C ALA B 153 -11.18 -9.82 -17.40
N GLU B 154 -11.36 -10.07 -16.10
CA GLU B 154 -12.56 -9.67 -15.39
C GLU B 154 -12.30 -8.31 -14.75
N VAL B 155 -13.02 -7.29 -15.21
CA VAL B 155 -12.90 -5.94 -14.68
C VAL B 155 -13.91 -5.76 -13.56
N ILE B 156 -13.43 -5.53 -12.35
CA ILE B 156 -14.28 -5.44 -11.18
C ILE B 156 -14.32 -4.00 -10.69
N PRO B 157 -15.34 -3.23 -11.06
CA PRO B 157 -15.43 -1.86 -10.55
C PRO B 157 -15.62 -1.85 -9.04
N VAL B 158 -14.94 -0.91 -8.38
CA VAL B 158 -15.02 -0.73 -6.94
C VAL B 158 -15.76 0.57 -6.68
N HIS B 159 -16.95 0.47 -6.08
CA HIS B 159 -17.81 1.62 -5.83
C HIS B 159 -17.68 2.17 -4.41
N SER B 160 -17.08 1.44 -3.50
CA SER B 160 -17.02 1.85 -2.10
C SER B 160 -15.98 2.95 -1.90
N GLY B 161 -16.22 3.78 -0.87
CA GLY B 161 -15.28 4.83 -0.53
C GLY B 161 -15.14 5.86 -1.64
N SER B 162 -13.90 6.27 -1.88
CA SER B 162 -13.63 7.24 -2.93
C SER B 162 -13.90 6.69 -4.32
N ALA B 163 -14.03 5.37 -4.46
CA ALA B 163 -14.28 4.71 -5.75
C ALA B 163 -13.22 5.07 -6.79
N THR B 164 -11.95 5.03 -6.37
CA THR B 164 -10.84 5.29 -7.28
C THR B 164 -9.69 4.35 -6.90
N LEU B 165 -8.48 4.70 -7.32
CA LEU B 165 -7.36 3.77 -7.23
C LEU B 165 -7.04 3.38 -5.79
N LYS B 166 -7.21 4.31 -4.85
CA LYS B 166 -6.96 3.98 -3.45
C LYS B 166 -7.89 2.89 -2.96
N ASP B 167 -9.12 2.85 -3.50
CA ASP B 167 -10.10 1.84 -3.09
C ASP B 167 -9.92 0.51 -3.83
N ALA B 168 -9.30 0.52 -5.00
CA ALA B 168 -9.04 -0.74 -5.70
C ALA B 168 -7.87 -1.49 -5.06
N CYS B 169 -6.88 -0.76 -4.53
CA CYS B 169 -5.81 -1.42 -3.78
C CYS B 169 -6.35 -2.12 -2.55
N ASN B 170 -7.33 -1.50 -1.88
CA ASN B 170 -7.92 -2.13 -0.70
C ASN B 170 -8.62 -3.43 -1.07
N GLU B 171 -9.41 -3.42 -2.15
CA GLU B 171 -10.08 -4.64 -2.58
C GLU B 171 -9.08 -5.69 -3.03
N ALA B 172 -8.09 -5.30 -3.83
CA ALA B 172 -7.13 -6.26 -4.35
C ALA B 172 -6.32 -6.89 -3.21
N LEU B 173 -5.96 -6.10 -2.20
CA LEU B 173 -5.17 -6.63 -1.10
C LEU B 173 -6.00 -7.55 -0.21
N ARG B 174 -7.21 -7.12 0.15
CA ARG B 174 -8.07 -7.98 0.96
C ARG B 174 -8.49 -9.24 0.20
N ASP B 175 -8.68 -9.14 -1.11
CA ASP B 175 -8.85 -10.32 -1.94
C ASP B 175 -7.65 -11.25 -1.80
N TRP B 176 -6.44 -10.70 -1.90
CA TRP B 176 -5.24 -11.53 -1.77
C TRP B 176 -5.13 -12.13 -0.38
N SER B 177 -5.59 -11.41 0.65
CA SER B 177 -5.57 -11.93 2.01
C SER B 177 -6.37 -13.22 2.12
N ALA B 178 -7.53 -13.26 1.46
CA ALA B 178 -8.38 -14.44 1.60
C ALA B 178 -7.99 -15.54 0.63
N ASN B 179 -7.34 -15.19 -0.48
CA ASN B 179 -7.22 -16.11 -1.61
C ASN B 179 -5.78 -16.31 -2.07
N TYR B 180 -4.79 -16.00 -1.21
CA TYR B 180 -3.41 -16.15 -1.66
C TYR B 180 -3.00 -17.59 -1.89
N SER B 181 -3.79 -18.56 -1.44
CA SER B 181 -3.44 -19.96 -1.70
C SER B 181 -3.63 -20.32 -3.17
N LYS B 182 -4.58 -19.67 -3.85
CA LYS B 182 -4.87 -19.97 -5.24
C LYS B 182 -4.54 -18.84 -6.20
N ALA B 183 -4.40 -17.62 -5.70
CA ALA B 183 -4.20 -16.45 -6.55
C ALA B 183 -2.94 -15.72 -6.12
N HIS B 184 -2.31 -15.06 -7.09
CA HIS B 184 -1.18 -14.18 -6.84
C HIS B 184 -1.59 -12.74 -7.13
N TYR B 185 -0.95 -11.80 -6.43
CA TYR B 185 -1.23 -10.37 -6.58
C TYR B 185 -0.07 -9.71 -7.33
N LEU B 186 -0.35 -9.20 -8.53
CA LEU B 186 0.67 -8.65 -9.42
C LEU B 186 0.81 -7.16 -9.13
N LEU B 187 1.72 -6.83 -8.22
CA LEU B 187 1.88 -5.44 -7.78
C LEU B 187 2.48 -4.63 -8.92
N GLY B 188 2.04 -3.39 -9.05
CA GLY B 188 2.27 -2.63 -10.27
C GLY B 188 3.60 -1.93 -10.37
N THR B 189 4.27 -1.70 -9.24
CA THR B 189 5.50 -0.94 -9.24
C THR B 189 6.47 -1.54 -8.24
N ALA B 190 7.63 -0.90 -8.10
CA ALA B 190 8.71 -1.37 -7.22
C ALA B 190 8.56 -0.86 -5.79
N ALA B 191 7.33 -0.65 -5.32
CA ALA B 191 7.07 -0.23 -3.96
C ALA B 191 6.28 -1.33 -3.24
N GLY B 192 5.78 -1.00 -2.05
CA GLY B 192 5.01 -1.94 -1.26
C GLY B 192 5.88 -2.78 -0.35
N PRO B 193 5.34 -3.88 0.15
CA PRO B 193 6.07 -4.73 1.08
C PRO B 193 7.05 -5.67 0.39
N HIS B 194 8.10 -6.02 1.11
CA HIS B 194 9.02 -7.04 0.64
C HIS B 194 8.27 -8.34 0.38
N PRO B 195 8.62 -9.10 -0.67
CA PRO B 195 9.73 -8.88 -1.61
C PRO B 195 9.37 -8.13 -2.91
N PHE B 196 8.28 -7.38 -2.94
CA PHE B 196 7.87 -6.73 -4.19
C PHE B 196 8.88 -5.72 -4.71
N PRO B 197 9.46 -4.82 -3.89
CA PRO B 197 10.48 -3.90 -4.44
C PRO B 197 11.68 -4.63 -5.02
N THR B 198 12.07 -5.77 -4.45
CA THR B 198 13.22 -6.51 -4.97
C THR B 198 12.85 -7.30 -6.22
N ILE B 199 11.64 -7.88 -6.26
CA ILE B 199 11.23 -8.67 -7.41
C ILE B 199 11.10 -7.80 -8.65
N VAL B 200 10.48 -6.62 -8.50
CA VAL B 200 10.26 -5.76 -9.67
C VAL B 200 11.57 -5.26 -10.23
N ARG B 201 12.54 -4.98 -9.35
CA ARG B 201 13.86 -4.56 -9.82
C ARG B 201 14.51 -5.63 -10.68
N GLU B 202 14.44 -6.89 -10.23
CA GLU B 202 15.07 -7.98 -10.97
C GLU B 202 14.37 -8.27 -12.29
N PHE B 203 13.08 -7.92 -12.40
CA PHE B 203 12.34 -8.10 -13.63
C PHE B 203 12.30 -6.84 -14.50
N GLN B 204 12.91 -5.74 -14.05
CA GLN B 204 13.17 -4.60 -14.91
C GLN B 204 14.65 -4.37 -15.12
N ARG B 205 15.52 -5.25 -14.59
CA ARG B 205 16.97 -5.05 -14.67
C ARG B 205 17.44 -4.91 -16.10
N MSE B 206 16.89 -5.71 -17.01
CA MSE B 206 17.39 -5.77 -18.38
C MSE B 206 17.30 -4.43 -19.11
O MSE B 206 17.87 -4.26 -20.18
CB MSE B 206 16.66 -6.85 -19.17
CG MSE B 206 15.20 -6.56 -19.47
SE MSE B 206 14.02 -6.70 -17.92
CE MSE B 206 14.57 -8.44 -17.25
N ILE B 207 16.58 -3.45 -18.54
CA ILE B 207 16.58 -2.11 -19.11
C ILE B 207 18.00 -1.55 -19.02
N GLY B 208 18.49 -1.33 -17.80
CA GLY B 208 19.84 -0.82 -17.64
C GLY B 208 20.90 -1.76 -18.16
N GLU B 209 20.66 -3.08 -18.08
CA GLU B 209 21.63 -4.04 -18.58
C GLU B 209 21.82 -3.91 -20.08
N GLU B 210 20.74 -3.68 -20.81
CA GLU B 210 20.85 -3.52 -22.27
C GLU B 210 21.49 -2.19 -22.62
N THR B 211 21.11 -1.10 -21.93
CA THR B 211 21.69 0.21 -22.23
C THR B 211 23.21 0.19 -22.06
N LYS B 212 23.69 -0.37 -20.96
CA LYS B 212 25.14 -0.40 -20.70
C LYS B 212 25.87 -1.09 -21.85
N GLN B 213 25.40 -2.27 -22.25
CA GLN B 213 26.06 -2.99 -23.33
C GLN B 213 25.80 -2.34 -24.69
N GLN B 214 24.63 -1.73 -24.88
CA GLN B 214 24.36 -1.03 -26.13
C GLN B 214 25.19 0.24 -26.26
N MSE B 215 25.38 0.95 -25.14
CA MSE B 215 26.13 2.20 -25.15
C MSE B 215 27.61 1.95 -25.34
O MSE B 215 28.32 2.74 -25.95
CB MSE B 215 25.85 2.98 -23.87
CG MSE B 215 26.40 4.39 -23.83
SE MSE B 215 25.49 5.65 -25.02
CE MSE B 215 23.73 5.67 -24.21
N LEU B 216 28.10 0.83 -24.79
CA LEU B 216 29.50 0.46 -25.01
C LEU B 216 29.77 0.16 -26.48
N ALA B 217 28.83 -0.52 -27.15
CA ALA B 217 29.03 -0.86 -28.55
C ALA B 217 28.76 0.31 -29.49
N LYS B 218 27.97 1.29 -29.06
CA LYS B 218 27.61 2.42 -29.91
C LYS B 218 28.58 3.58 -29.76
N GLU B 219 28.65 4.16 -28.56
CA GLU B 219 29.50 5.33 -28.34
C GLU B 219 30.91 4.96 -27.89
N GLY B 220 31.04 3.91 -27.07
CA GLY B 220 32.34 3.39 -26.66
C GLY B 220 32.58 3.48 -25.17
N ARG B 221 32.04 4.50 -24.52
CA ARG B 221 32.19 4.70 -23.08
C ARG B 221 30.85 4.51 -22.39
N LEU B 222 30.89 4.53 -21.06
CA LEU B 222 29.65 4.55 -20.32
C LEU B 222 29.07 5.96 -20.32
N PRO B 223 27.74 6.09 -20.30
CA PRO B 223 27.14 7.43 -20.32
C PRO B 223 27.50 8.22 -19.07
N ASP B 224 27.42 9.55 -19.20
CA ASP B 224 27.67 10.42 -18.07
C ASP B 224 26.54 10.35 -17.05
N ALA B 225 25.32 10.04 -17.49
CA ALA B 225 24.16 9.97 -16.62
C ALA B 225 23.04 9.21 -17.31
N VAL B 226 22.19 8.59 -16.50
CA VAL B 226 20.94 8.01 -16.98
C VAL B 226 19.80 8.68 -16.23
N ILE B 227 18.76 9.09 -16.97
CA ILE B 227 17.66 9.87 -16.43
C ILE B 227 16.36 9.11 -16.68
N ALA B 228 15.55 8.98 -15.62
CA ALA B 228 14.29 8.25 -15.71
C ALA B 228 13.31 8.87 -14.73
N CYS B 229 12.03 8.87 -15.12
CA CYS B 229 11.00 9.40 -14.24
C CYS B 229 10.73 8.41 -13.11
N VAL B 230 10.20 8.93 -12.00
CA VAL B 230 10.00 8.16 -10.78
C VAL B 230 8.57 8.40 -10.32
N GLY B 231 7.67 7.45 -10.59
CA GLY B 231 6.35 7.46 -10.00
C GLY B 231 6.31 6.59 -8.76
N GLY B 232 6.33 5.28 -8.95
CA GLY B 232 6.50 4.34 -7.86
C GLY B 232 7.93 3.89 -7.77
N GLY B 233 8.61 3.83 -8.92
CA GLY B 233 10.02 3.48 -8.96
C GLY B 233 10.37 2.39 -9.95
N SER B 234 9.35 1.81 -10.58
CA SER B 234 9.53 0.63 -11.44
C SER B 234 10.56 0.89 -12.55
N ASN B 235 10.28 1.86 -13.44
CA ASN B 235 11.14 2.03 -14.61
C ASN B 235 12.47 2.69 -14.25
N ALA B 236 12.52 3.47 -13.17
CA ALA B 236 13.78 4.11 -12.80
C ALA B 236 14.75 3.10 -12.19
N ILE B 237 14.27 2.22 -11.31
CA ILE B 237 15.17 1.20 -10.77
C ILE B 237 15.53 0.20 -11.85
N GLY B 238 14.68 0.03 -12.86
CA GLY B 238 15.04 -0.80 -13.99
C GLY B 238 16.29 -0.29 -14.69
N MSE B 239 16.39 1.02 -14.84
CA MSE B 239 17.54 1.63 -15.49
C MSE B 239 18.75 1.71 -14.56
O MSE B 239 19.88 1.45 -14.97
CB MSE B 239 17.16 3.02 -16.00
CG MSE B 239 18.30 3.79 -16.65
SE MSE B 239 18.92 3.01 -18.34
CE MSE B 239 17.42 3.49 -19.48
N PHE B 240 18.51 2.05 -13.29
CA PHE B 240 19.62 2.31 -12.37
C PHE B 240 20.35 1.04 -11.97
N ALA B 241 19.63 -0.08 -11.86
CA ALA B 241 20.12 -1.25 -11.13
C ALA B 241 21.51 -1.68 -11.59
N ASP B 242 21.69 -1.83 -12.89
CA ASP B 242 22.98 -2.29 -13.40
C ASP B 242 24.02 -1.19 -13.49
N PHE B 243 23.66 0.06 -13.16
CA PHE B 243 24.61 1.16 -13.16
C PHE B 243 25.07 1.56 -11.76
N ILE B 244 24.51 0.96 -10.72
CA ILE B 244 24.81 1.40 -9.36
C ILE B 244 26.29 1.21 -9.04
N ASP B 245 26.87 0.10 -9.49
CA ASP B 245 28.27 -0.20 -9.21
C ASP B 245 29.23 0.47 -10.18
N GLU B 246 28.74 1.23 -11.15
CA GLU B 246 29.58 2.05 -12.01
C GLU B 246 29.67 3.43 -11.37
N LYS B 247 30.76 3.66 -10.62
CA LYS B 247 30.83 4.81 -9.71
C LYS B 247 30.76 6.16 -10.42
N ASN B 248 31.13 6.22 -11.70
CA ASN B 248 31.19 7.49 -12.42
C ASN B 248 30.01 7.70 -13.37
N VAL B 249 28.85 7.11 -13.06
CA VAL B 249 27.64 7.32 -13.83
C VAL B 249 26.58 7.87 -12.89
N LYS B 250 26.16 9.11 -13.13
CA LYS B 250 25.15 9.72 -12.29
C LYS B 250 23.79 9.07 -12.55
N LEU B 251 22.99 8.97 -11.49
CA LEU B 251 21.65 8.43 -11.58
C LEU B 251 20.67 9.54 -11.20
N ILE B 252 19.90 10.01 -12.18
CA ILE B 252 18.96 11.11 -11.96
C ILE B 252 17.55 10.58 -12.15
N GLY B 253 16.75 10.68 -11.10
CA GLY B 253 15.33 10.37 -11.17
C GLY B 253 14.54 11.68 -11.15
N VAL B 254 13.46 11.71 -11.92
CA VAL B 254 12.65 12.92 -12.03
C VAL B 254 11.24 12.60 -11.53
N GLU B 255 10.84 13.25 -10.46
CA GLU B 255 9.48 13.17 -9.96
C GLU B 255 8.63 14.27 -10.57
N PRO B 256 7.31 14.12 -10.54
CA PRO B 256 6.44 15.18 -11.07
C PRO B 256 6.29 16.32 -10.08
N ALA B 257 6.41 17.55 -10.59
CA ALA B 257 6.15 18.74 -9.79
C ALA B 257 4.73 19.23 -9.94
N GLY B 258 3.96 18.66 -10.86
CA GLY B 258 2.57 19.05 -11.02
C GLY B 258 2.43 20.50 -11.40
N LYS B 259 1.50 21.19 -10.75
CA LYS B 259 1.28 22.60 -10.95
C LYS B 259 2.31 23.47 -10.22
N GLY B 260 3.37 22.87 -9.69
CA GLY B 260 4.35 23.56 -8.91
C GLY B 260 4.46 23.05 -7.48
N ILE B 261 5.68 22.82 -7.02
CA ILE B 261 5.85 22.34 -5.65
C ILE B 261 5.31 23.34 -4.66
N GLU B 262 5.52 24.63 -4.92
CA GLU B 262 4.99 25.68 -4.06
C GLU B 262 3.46 25.69 -4.01
N THR B 263 2.79 25.02 -4.93
CA THR B 263 1.33 25.00 -4.96
C THR B 263 0.73 23.81 -4.21
N GLY B 264 1.55 22.85 -3.78
CA GLY B 264 1.08 21.67 -3.09
C GLY B 264 0.52 20.57 -3.98
N GLU B 265 0.17 20.88 -5.23
CA GLU B 265 -0.36 19.88 -6.16
C GLU B 265 0.82 19.29 -6.95
N HIS B 266 1.49 18.33 -6.32
CA HIS B 266 2.64 17.68 -6.92
C HIS B 266 2.63 16.21 -6.53
N GLY B 267 3.66 15.50 -6.99
CA GLY B 267 3.84 14.10 -6.67
C GLY B 267 5.30 13.77 -6.43
N ALA B 268 5.98 14.62 -5.66
CA ALA B 268 7.42 14.49 -5.41
C ALA B 268 7.68 14.35 -3.92
N PRO B 269 7.38 13.18 -3.34
CA PRO B 269 7.65 12.99 -1.90
C PRO B 269 9.11 12.73 -1.60
N LEU B 270 9.91 12.32 -2.60
CA LEU B 270 11.29 11.94 -2.34
C LEU B 270 12.10 13.12 -1.81
N LYS B 271 11.84 14.33 -2.32
CA LYS B 271 12.54 15.52 -1.85
C LYS B 271 11.62 16.54 -1.18
N HIS B 272 10.35 16.19 -0.95
CA HIS B 272 9.42 17.07 -0.25
C HIS B 272 8.47 16.28 0.63
N GLY B 273 8.94 15.18 1.20
CA GLY B 273 8.09 14.32 1.99
C GLY B 273 8.74 13.78 3.25
N LYS B 274 7.93 13.66 4.29
CA LYS B 274 8.35 13.08 5.57
C LYS B 274 8.28 11.57 5.48
N THR B 275 9.28 10.90 6.05
CA THR B 275 9.29 9.44 6.05
C THR B 275 8.15 8.92 6.92
N GLY B 276 7.43 7.93 6.40
CA GLY B 276 6.34 7.31 7.15
C GLY B 276 6.12 5.87 6.79
N ILE B 277 5.00 5.29 7.24
CA ILE B 277 4.67 3.88 6.99
C ILE B 277 3.33 3.82 6.28
N PHE B 278 3.31 3.25 5.09
CA PHE B 278 2.15 3.27 4.21
C PHE B 278 2.35 2.21 3.13
N PHE B 279 1.24 1.63 2.66
CA PHE B 279 1.26 0.63 1.59
C PHE B 279 2.12 -0.59 1.96
N GLY B 280 2.24 -0.88 3.26
CA GLY B 280 3.05 -2.00 3.68
C GLY B 280 4.55 -1.77 3.64
N MSE B 281 5.00 -0.52 3.67
CA MSE B 281 6.42 -0.19 3.61
C MSE B 281 6.71 1.08 4.39
O MSE B 281 5.81 1.88 4.67
CB MSE B 281 6.87 -0.01 2.16
CG MSE B 281 6.20 1.18 1.47
SE MSE B 281 6.90 1.60 -0.30
CE MSE B 281 8.77 1.36 0.14
N LYS B 282 7.98 1.28 4.75
CA LYS B 282 8.46 2.50 5.37
C LYS B 282 9.24 3.30 4.34
N ALA B 283 8.74 4.49 4.00
CA ALA B 283 9.25 5.24 2.85
C ALA B 283 8.78 6.68 2.95
N PRO B 284 9.39 7.59 2.17
CA PRO B 284 8.92 8.99 2.13
C PRO B 284 7.44 9.09 1.76
N LEU B 285 6.76 10.02 2.40
CA LEU B 285 5.31 10.15 2.26
C LEU B 285 4.90 11.62 2.15
N MSE B 286 3.94 11.89 1.28
CA MSE B 286 3.24 13.16 1.30
C MSE B 286 2.14 13.09 2.37
O MSE B 286 1.06 12.55 2.13
CB MSE B 286 2.65 13.48 -0.07
CG MSE B 286 3.71 13.76 -1.13
SE MSE B 286 2.95 14.15 -2.88
CE MSE B 286 1.91 15.75 -2.43
N GLN B 287 2.44 13.64 3.54
CA GLN B 287 1.55 13.52 4.69
C GLN B 287 1.47 14.86 5.40
N ASN B 288 0.38 15.02 6.16
CA ASN B 288 0.17 16.21 6.96
C ASN B 288 0.86 16.05 8.32
N SER B 289 0.69 17.04 9.19
CA SER B 289 1.36 17.00 10.50
C SER B 289 0.82 15.90 11.40
N ASP B 290 -0.35 15.35 11.11
CA ASP B 290 -0.96 14.33 11.96
C ASP B 290 -0.67 12.91 11.51
N GLY B 291 -0.23 12.70 10.27
CA GLY B 291 0.05 11.38 9.75
C GLY B 291 -0.87 10.94 8.63
N GLN B 292 -1.92 11.70 8.34
CA GLN B 292 -2.78 11.39 7.20
C GLN B 292 -2.01 11.60 5.89
N ILE B 293 -2.12 10.64 4.98
CA ILE B 293 -1.45 10.74 3.68
C ILE B 293 -2.20 11.74 2.81
N GLU B 294 -1.46 12.63 2.16
CA GLU B 294 -2.09 13.66 1.35
C GLU B 294 -2.26 13.19 -0.09
N GLU B 295 -3.19 13.85 -0.80
CA GLU B 295 -3.40 13.56 -2.21
C GLU B 295 -2.24 14.10 -3.04
N SER B 296 -1.73 13.27 -3.94
CA SER B 296 -0.70 13.68 -4.89
C SER B 296 -1.35 14.08 -6.21
N TYR B 297 -0.58 14.80 -7.03
CA TYR B 297 -1.08 15.23 -8.33
C TYR B 297 0.04 15.22 -9.36
N SER B 298 -0.29 14.76 -10.56
CA SER B 298 0.56 14.92 -11.73
C SER B 298 -0.33 14.98 -12.96
N ILE B 299 0.19 15.59 -14.02
CA ILE B 299 -0.57 15.60 -15.27
C ILE B 299 -0.63 14.20 -15.87
N SER B 300 0.36 13.35 -15.60
CA SER B 300 0.35 11.97 -16.05
C SER B 300 -0.07 11.06 -14.90
N ALA B 301 -1.04 10.18 -15.16
CA ALA B 301 -1.57 9.32 -14.10
C ALA B 301 -0.51 8.39 -13.55
N GLY B 302 0.45 7.98 -14.37
CA GLY B 302 1.47 7.03 -13.94
C GLY B 302 2.35 7.55 -12.82
N LEU B 303 2.44 8.87 -12.64
CA LEU B 303 3.28 9.44 -11.60
C LEU B 303 2.47 9.92 -10.41
N ASP B 304 1.14 9.82 -10.45
CA ASP B 304 0.26 10.27 -9.37
C ASP B 304 0.28 9.20 -8.29
N PHE B 305 1.24 9.29 -7.39
CA PHE B 305 1.42 8.33 -6.31
C PHE B 305 2.16 8.99 -5.16
N PRO B 306 1.52 9.14 -4.00
CA PRO B 306 2.07 9.94 -2.91
C PRO B 306 3.24 9.31 -2.17
N SER B 307 3.83 8.23 -2.67
CA SER B 307 5.01 7.64 -2.04
C SER B 307 6.02 7.31 -3.13
N VAL B 308 6.99 6.45 -2.81
CA VAL B 308 8.04 6.07 -3.73
C VAL B 308 8.65 4.76 -3.25
N GLY B 309 9.27 4.01 -4.16
CA GLY B 309 9.94 2.77 -3.81
C GLY B 309 11.01 2.97 -2.75
N PRO B 310 11.38 1.91 -2.05
CA PRO B 310 12.32 2.05 -0.94
C PRO B 310 13.75 2.23 -1.41
N GLN B 311 14.14 1.49 -2.45
CA GLN B 311 15.52 1.53 -2.91
C GLN B 311 15.88 2.92 -3.43
N HIS B 312 14.88 3.66 -3.94
CA HIS B 312 15.14 5.03 -4.38
C HIS B 312 15.43 5.94 -3.19
N ALA B 313 14.55 5.90 -2.18
CA ALA B 313 14.78 6.68 -0.97
C ALA B 313 16.13 6.34 -0.35
N HIS B 314 16.51 5.06 -0.38
CA HIS B 314 17.83 4.67 0.08
C HIS B 314 18.93 5.31 -0.78
N LEU B 315 18.80 5.22 -2.11
CA LEU B 315 19.81 5.78 -2.99
C LEU B 315 19.96 7.28 -2.82
N LEU B 316 18.94 7.96 -2.33
CA LEU B 316 19.06 9.40 -2.09
C LEU B 316 19.81 9.69 -0.80
N ALA B 317 19.55 8.90 0.25
CA ALA B 317 20.19 9.13 1.54
C ALA B 317 21.63 8.66 1.58
N ILE B 318 22.08 7.90 0.57
CA ILE B 318 23.48 7.51 0.48
C ILE B 318 24.27 8.44 -0.43
N GLY B 319 23.61 9.28 -1.21
CA GLY B 319 24.26 10.13 -2.17
C GLY B 319 24.55 9.46 -3.50
N ARG B 320 24.01 8.27 -3.74
CA ARG B 320 24.29 7.57 -4.99
C ARG B 320 23.46 8.11 -6.15
N ALA B 321 22.25 8.58 -5.89
CA ALA B 321 21.37 9.07 -6.95
C ALA B 321 20.77 10.41 -6.55
N LYS B 322 20.66 11.31 -7.52
CA LYS B 322 20.01 12.60 -7.35
C LYS B 322 18.62 12.53 -7.95
N TYR B 323 17.68 13.23 -7.32
CA TYR B 323 16.29 13.22 -7.76
C TYR B 323 15.82 14.65 -7.96
N ALA B 324 15.21 14.91 -9.12
CA ALA B 324 14.76 16.23 -9.54
C ALA B 324 13.27 16.21 -9.82
N SER B 325 12.73 17.39 -10.16
CA SER B 325 11.31 17.57 -10.41
C SER B 325 11.10 18.22 -11.77
N ALA B 326 9.92 17.98 -12.33
CA ALA B 326 9.51 18.62 -13.58
C ALA B 326 8.03 18.92 -13.49
N THR B 327 7.65 20.16 -13.78
CA THR B 327 6.26 20.58 -13.66
C THR B 327 5.44 19.99 -14.80
N ASP B 328 4.13 20.25 -14.77
CA ASP B 328 3.29 19.86 -15.90
C ASP B 328 3.78 20.51 -17.19
N ASP B 329 4.00 21.84 -17.14
CA ASP B 329 4.35 22.56 -18.35
C ASP B 329 5.71 22.13 -18.89
N GLU B 330 6.67 21.80 -18.02
CA GLU B 330 7.98 21.35 -18.51
C GLU B 330 7.87 20.00 -19.22
N ALA B 331 7.05 19.09 -18.69
CA ALA B 331 6.84 17.81 -19.38
C ALA B 331 6.01 17.99 -20.64
N LEU B 332 5.03 18.91 -20.61
CA LEU B 332 4.23 19.18 -21.80
C LEU B 332 5.09 19.75 -22.93
N ASP B 333 5.94 20.73 -22.61
CA ASP B 333 6.81 21.29 -23.64
C ASP B 333 7.83 20.26 -24.13
N ALA B 334 8.29 19.37 -23.24
CA ALA B 334 9.15 18.29 -23.68
C ALA B 334 8.40 17.27 -24.52
N PHE B 335 7.12 17.06 -24.22
CA PHE B 335 6.27 16.23 -25.06
C PHE B 335 6.20 16.78 -26.47
N LYS B 336 5.81 18.05 -26.60
CA LYS B 336 5.64 18.68 -27.90
C LYS B 336 6.95 18.73 -28.67
N LEU B 337 8.08 18.87 -27.97
CA LEU B 337 9.37 18.95 -28.63
C LEU B 337 9.75 17.61 -29.25
N LEU B 338 9.56 16.50 -28.53
CA LEU B 338 9.95 15.20 -29.07
C LEU B 338 9.11 14.83 -30.28
N CYS B 339 7.86 15.28 -30.34
CA CYS B 339 7.05 15.05 -31.53
C CYS B 339 7.60 15.83 -32.72
N LYS B 340 8.06 17.06 -32.48
CA LYS B 340 8.38 17.93 -33.61
C LYS B 340 9.81 17.71 -34.07
N LYS B 341 10.75 17.59 -33.12
CA LYS B 341 12.16 17.48 -33.46
C LYS B 341 12.55 16.04 -33.80
N GLU B 342 12.17 15.09 -32.96
CA GLU B 342 12.29 13.67 -33.28
C GLU B 342 10.95 13.20 -33.85
N GLY B 343 10.81 11.91 -34.08
CA GLY B 343 9.55 11.43 -34.60
C GLY B 343 8.81 10.55 -33.62
N ILE B 344 8.90 10.86 -32.34
CA ILE B 344 8.43 9.99 -31.27
C ILE B 344 7.43 10.73 -30.42
N ILE B 345 6.32 10.07 -30.09
CA ILE B 345 5.34 10.60 -29.15
C ILE B 345 5.60 9.93 -27.80
N PRO B 346 6.16 10.62 -26.82
CA PRO B 346 6.50 9.99 -25.55
C PRO B 346 5.31 9.97 -24.60
N ALA B 347 5.36 9.03 -23.67
CA ALA B 347 4.40 9.04 -22.56
C ALA B 347 4.67 10.26 -21.69
N LEU B 348 3.59 10.87 -21.20
CA LEU B 348 3.75 12.05 -20.35
C LEU B 348 4.53 11.73 -19.08
N GLU B 349 4.49 10.48 -18.63
CA GLU B 349 5.40 10.06 -17.57
C GLU B 349 6.84 10.22 -18.01
N SER B 350 7.19 9.67 -19.18
CA SER B 350 8.56 9.73 -19.67
C SER B 350 9.00 11.15 -19.96
N SER B 351 8.06 12.01 -20.34
CA SER B 351 8.38 13.40 -20.68
C SER B 351 8.96 14.16 -19.50
N HIS B 352 8.66 13.75 -18.26
CA HIS B 352 9.29 14.38 -17.11
C HIS B 352 10.80 14.13 -17.10
N ALA B 353 11.21 12.90 -17.39
CA ALA B 353 12.64 12.62 -17.51
C ALA B 353 13.25 13.41 -18.66
N LEU B 354 12.57 13.43 -19.82
CA LEU B 354 13.07 14.15 -20.98
C LEU B 354 13.21 15.64 -20.69
N ALA B 355 12.20 16.25 -20.06
CA ALA B 355 12.25 17.68 -19.76
C ALA B 355 13.47 18.01 -18.93
N HIS B 356 13.83 17.14 -17.99
CA HIS B 356 15.01 17.38 -17.18
C HIS B 356 16.28 17.27 -18.01
N ALA B 357 16.34 16.28 -18.91
CA ALA B 357 17.50 16.15 -19.79
C ALA B 357 17.64 17.37 -20.70
N LEU B 358 16.51 17.90 -21.18
CA LEU B 358 16.56 19.12 -21.98
C LEU B 358 17.12 20.28 -21.18
N LYS B 359 16.87 20.30 -19.86
CA LYS B 359 17.50 21.29 -19.00
C LYS B 359 19.01 21.14 -19.00
N LEU B 360 19.50 19.93 -18.68
CA LEU B 360 20.94 19.71 -18.61
C LEU B 360 21.64 20.04 -19.92
N ALA B 361 20.94 19.93 -21.05
CA ALA B 361 21.56 20.25 -22.33
C ALA B 361 21.54 21.75 -22.60
N TYR B 362 20.38 22.40 -22.43
CA TYR B 362 20.27 23.82 -22.76
C TYR B 362 20.94 24.73 -21.75
N GLU B 363 21.12 24.27 -20.49
CA GLU B 363 21.74 25.12 -19.48
C GLU B 363 23.25 25.24 -19.66
N ASP B 364 23.89 24.19 -20.18
CA ASP B 364 25.31 24.21 -20.51
C ASP B 364 25.47 23.73 -21.96
N PRO B 365 25.06 24.54 -22.94
CA PRO B 365 25.02 24.05 -24.32
C PRO B 365 26.39 23.77 -24.93
N ASN B 366 27.47 24.32 -24.38
CA ASN B 366 28.80 24.08 -24.93
C ASN B 366 29.54 22.95 -24.22
N LYS B 367 28.86 22.23 -23.34
CA LYS B 367 29.46 21.16 -22.55
C LYS B 367 29.27 19.82 -23.23
N GLU B 368 30.36 19.10 -23.44
CA GLU B 368 30.28 17.76 -24.02
C GLU B 368 29.64 16.82 -23.02
N GLN B 369 28.45 16.31 -23.35
CA GLN B 369 27.66 15.48 -22.45
C GLN B 369 27.07 14.31 -23.20
N LEU B 370 26.95 13.17 -22.51
CA LEU B 370 26.36 11.95 -23.04
C LEU B 370 25.29 11.49 -22.06
N LEU B 371 24.01 11.71 -22.42
CA LEU B 371 22.89 11.47 -21.51
C LEU B 371 21.94 10.42 -22.08
N VAL B 372 21.34 9.65 -21.18
CA VAL B 372 20.33 8.65 -21.52
C VAL B 372 19.02 9.00 -20.84
N VAL B 373 17.94 8.97 -21.60
CA VAL B 373 16.59 9.13 -21.08
C VAL B 373 15.87 7.80 -21.26
N ASN B 374 15.33 7.27 -20.17
CA ASN B 374 14.57 6.04 -20.24
C ASN B 374 13.18 6.38 -20.75
N LEU B 375 12.97 6.23 -22.06
CA LEU B 375 11.65 6.48 -22.62
C LEU B 375 10.71 5.36 -22.22
N SER B 376 10.12 5.48 -21.02
CA SER B 376 9.42 4.36 -20.42
C SER B 376 8.20 3.91 -21.21
N GLY B 377 7.59 4.77 -22.03
CA GLY B 377 6.39 4.34 -22.71
C GLY B 377 5.97 5.25 -23.85
N ARG B 378 5.07 4.71 -24.67
CA ARG B 378 4.47 5.43 -25.78
C ARG B 378 3.49 6.49 -25.27
N GLY B 379 3.26 7.50 -26.12
CA GLY B 379 2.38 8.60 -25.80
C GLY B 379 1.01 8.59 -26.46
N ASP B 380 0.66 7.58 -27.23
CA ASP B 380 -0.66 7.54 -27.86
C ASP B 380 -1.78 7.63 -26.85
N LYS B 381 -1.57 7.12 -25.63
CA LYS B 381 -2.60 7.21 -24.60
C LYS B 381 -2.83 8.64 -24.12
N ASP B 382 -1.82 9.50 -24.22
CA ASP B 382 -1.91 10.86 -23.73
C ASP B 382 -2.33 11.85 -24.81
N ILE B 383 -2.65 11.36 -26.01
CA ILE B 383 -3.09 12.24 -27.09
C ILE B 383 -4.27 13.09 -26.66
N PHE B 384 -5.28 12.45 -26.05
CA PHE B 384 -6.47 13.19 -25.65
C PHE B 384 -6.15 14.19 -24.54
N THR B 385 -5.25 13.83 -23.62
CA THR B 385 -4.92 14.72 -22.52
C THR B 385 -4.18 15.97 -23.03
N VAL B 386 -3.16 15.77 -23.86
CA VAL B 386 -2.37 16.90 -24.34
C VAL B 386 -3.23 17.83 -25.17
N HIS B 387 -4.15 17.27 -25.96
CA HIS B 387 -4.98 18.10 -26.83
C HIS B 387 -5.90 19.00 -26.02
N ASP B 388 -6.44 18.49 -24.91
CA ASP B 388 -7.38 19.28 -24.12
C ASP B 388 -6.68 20.35 -23.30
N ILE B 389 -5.46 20.08 -22.81
CA ILE B 389 -4.72 21.10 -22.09
C ILE B 389 -4.24 22.19 -23.05
N LEU B 390 -3.88 21.80 -24.28
CA LEU B 390 -3.47 22.78 -25.28
C LEU B 390 -4.65 23.63 -25.72
N LYS B 391 -5.81 23.03 -25.92
CA LYS B 391 -7.00 23.79 -26.30
C LYS B 391 -7.51 24.66 -25.17
N GLU B 392 -7.37 24.18 -23.92
CA GLU B 392 -7.78 24.99 -22.77
C GLU B 392 -6.92 26.24 -22.63
N LYS B 393 -5.69 26.22 -23.14
CA LYS B 393 -4.83 27.40 -23.12
C LYS B 393 -4.94 28.16 -24.44
N GLY B 394 -4.28 27.67 -25.49
CA GLY B 394 -4.34 28.30 -26.80
C GLY B 394 -3.74 27.48 -27.92
N GLU B 395 -4.53 26.54 -28.45
CA GLU B 395 -4.09 25.69 -29.57
C GLU B 395 -5.28 25.20 -30.39
C ACT C . 3.79 7.01 -32.33
O ACT C . 3.34 6.04 -31.70
OXT ACT C . 3.12 7.37 -33.34
CH3 ACT C . 5.06 7.70 -31.92
CA CA D . -4.18 11.89 -7.22
CA CA E . 24.19 28.52 -17.63
#